data_3SRK
#
_entry.id   3SRK
#
_cell.length_a   122.420
_cell.length_b   130.160
_cell.length_c   166.490
_cell.angle_alpha   90.00
_cell.angle_beta   90.00
_cell.angle_gamma   90.00
#
_symmetry.space_group_name_H-M   'I 2 2 2'
#
loop_
_entity.id
_entity.type
_entity.pdbx_description
1 polymer 'Pyruvate kinase'
2 non-polymer '1,2-BENZISOTHIAZOL-3(2H)-ONE 1,1-DIOXIDE'
3 non-polymer 'POTASSIUM ION'
4 non-polymer 'pyrene-1,3,6,8-tetrasulfonic acid'
5 water water
#
_entity_poly.entity_id   1
_entity_poly.type   'polypeptide(L)'
_entity_poly.pdbx_seq_one_letter_code
;MSQLAHNLTLSIFDPVANYRAARIICTIGPSTQSVEALKGLIQSGMSVARMNFSHGSHEYHQTTINNVRQAAAELGVNIA
IALDTKGPEIRTGQFVGGDAVMERGATCYVTTDPAFADKGTKDKFYIDYQNLSKVVRPGNYIYIDDGILILQVQSHEDEQ
TLECTVTNSHTISDRRGVNLPGCDVDLPAVSAKDRVDLQFGVEQGVDMIFASFIRSAEQVGDVRKALGPKGRDIMIICKI
ENHQGVQNIDSIIEESDGIMVARGDLGVEIPAEKVVVAQKILISKCNVAGKPVICATQMLESMTYNPRPTRAEVSDVANA
VFNGADCVMLSGETAKGKYPNEVVQYMARICLEAQSALNEYVFFNSIKKLQHIPMSADEAVCSSAVNSVYETKAKAMVVL
SNTGRSARLVAKYRPNCPIVCVTTRLQTCRQLNITQGVESVFFDADKLGHDEGKEHRVAAGVEFAKSKGYVQTGDYCVVI
HADHKVKGYANQTRILLVE
;
_entity_poly.pdbx_strand_id   A,B
#
# COMPACT_ATOMS: atom_id res chain seq x y z
N MET A 1 7.87 4.13 18.83
CA MET A 1 6.41 3.86 18.79
C MET A 1 5.65 4.90 17.94
N SER A 2 6.11 5.06 16.69
CA SER A 2 5.39 5.78 15.64
C SER A 2 6.22 5.72 14.36
N GLN A 3 5.65 5.21 13.29
CA GLN A 3 6.35 5.16 12.00
C GLN A 3 6.61 6.58 11.50
N LEU A 4 5.60 7.43 11.61
CA LEU A 4 5.72 8.86 11.30
C LEU A 4 6.91 9.48 12.01
N ALA A 5 6.98 9.27 13.33
CA ALA A 5 8.08 9.79 14.16
C ALA A 5 9.43 9.22 13.73
N HIS A 6 9.44 7.95 13.36
CA HIS A 6 10.63 7.28 12.86
C HIS A 6 11.08 7.85 11.52
N ASN A 7 10.13 8.16 10.65
CA ASN A 7 10.41 8.75 9.34
C ASN A 7 11.24 10.04 9.45
N LEU A 8 10.99 10.80 10.51
CA LEU A 8 11.63 12.09 10.73
C LEU A 8 13.14 11.97 10.96
N THR A 9 13.55 10.83 11.52
CA THR A 9 14.94 10.59 11.91
C THR A 9 15.74 9.88 10.82
N LEU A 10 15.06 9.52 9.73
CA LEU A 10 15.67 8.76 8.65
C LEU A 10 16.47 9.59 7.66
N SER A 11 17.48 8.95 7.07
CA SER A 11 18.26 9.54 5.99
C SER A 11 18.57 8.47 4.95
N ILE A 12 18.19 8.73 3.70
CA ILE A 12 18.34 7.75 2.62
C ILE A 12 19.80 7.48 2.23
N PHE A 13 20.73 8.14 2.92
CA PHE A 13 22.16 7.99 2.65
C PHE A 13 22.86 7.08 3.67
N ASP A 14 22.23 6.91 4.84
CA ASP A 14 22.72 5.99 5.87
C ASP A 14 22.73 4.55 5.36
N PRO A 15 23.78 3.77 5.71
CA PRO A 15 23.88 2.39 5.23
C PRO A 15 22.70 1.53 5.67
N VAL A 16 22.33 0.59 4.81
CA VAL A 16 21.21 -0.32 5.05
C VAL A 16 21.54 -1.33 6.15
N ALA A 17 20.53 -2.13 6.53
CA ALA A 17 20.69 -3.12 7.61
C ALA A 17 21.77 -4.16 7.32
N ASN A 18 22.30 -4.75 8.38
CA ASN A 18 23.29 -5.83 8.30
C ASN A 18 22.65 -7.20 8.06
N TYR A 19 21.33 -7.22 7.90
CA TYR A 19 20.56 -8.45 7.64
C TYR A 19 19.23 -8.11 6.97
N ARG A 20 18.78 -8.98 6.07
CA ARG A 20 17.45 -8.85 5.46
C ARG A 20 16.47 -9.80 6.11
N ALA A 21 15.40 -9.24 6.69
CA ALA A 21 14.40 -10.01 7.40
C ALA A 21 13.41 -10.72 6.49
N ALA A 22 12.88 -10.00 5.50
CA ALA A 22 11.86 -10.55 4.59
C ALA A 22 12.38 -11.71 3.75
N ARG A 23 11.49 -12.65 3.43
CA ARG A 23 11.85 -13.86 2.68
C ARG A 23 11.24 -13.90 1.29
N ILE A 24 12.00 -14.44 0.33
CA ILE A 24 11.61 -14.42 -1.08
C ILE A 24 11.23 -15.79 -1.59
N ILE A 25 10.02 -15.90 -2.14
CA ILE A 25 9.56 -17.14 -2.75
C ILE A 25 9.61 -17.01 -4.27
N CYS A 26 10.41 -17.84 -4.91
CA CYS A 26 10.51 -17.88 -6.37
C CYS A 26 9.77 -19.08 -6.94
N THR A 27 9.03 -18.86 -8.03
CA THR A 27 8.37 -19.96 -8.73
C THR A 27 9.34 -20.55 -9.75
N ILE A 28 9.48 -21.87 -9.74
CA ILE A 28 10.41 -22.56 -10.62
C ILE A 28 9.73 -23.01 -11.90
N GLY A 29 10.28 -22.57 -13.04
CA GLY A 29 9.76 -22.94 -14.35
C GLY A 29 10.87 -23.25 -15.34
N PRO A 30 10.56 -23.16 -16.65
CA PRO A 30 11.51 -23.45 -17.74
C PRO A 30 12.85 -22.71 -17.59
N SER A 31 12.81 -21.49 -17.09
CA SER A 31 14.00 -20.66 -16.97
C SER A 31 14.88 -21.01 -15.78
N THR A 32 14.34 -21.77 -14.82
CA THR A 32 15.02 -21.96 -13.54
C THR A 32 15.16 -23.39 -13.01
N GLN A 33 14.67 -24.38 -13.75
CA GLN A 33 14.64 -25.76 -13.24
C GLN A 33 16.02 -26.41 -13.05
N SER A 34 16.97 -26.11 -13.94
CA SER A 34 18.31 -26.70 -13.87
C SER A 34 19.02 -26.33 -12.57
N VAL A 35 19.93 -27.21 -12.14
CA VAL A 35 20.67 -27.03 -10.88
C VAL A 35 21.41 -25.70 -10.78
N GLU A 36 22.14 -25.34 -11.83
CA GLU A 36 22.92 -24.10 -11.86
C GLU A 36 22.05 -22.84 -11.77
N ALA A 37 20.89 -22.88 -12.42
CA ALA A 37 19.93 -21.78 -12.37
C ALA A 37 19.35 -21.62 -10.97
N LEU A 38 19.17 -22.75 -10.29
CA LEU A 38 18.74 -22.77 -8.90
C LEU A 38 19.85 -22.30 -7.97
N LYS A 39 21.08 -22.72 -8.24
CA LYS A 39 22.25 -22.27 -7.49
C LYS A 39 22.45 -20.77 -7.59
N GLY A 40 22.11 -20.20 -8.75
CA GLY A 40 22.12 -18.76 -8.96
C GLY A 40 20.96 -18.06 -8.26
N LEU A 41 19.81 -18.73 -8.26
CA LEU A 41 18.59 -18.21 -7.63
C LEU A 41 18.70 -18.17 -6.11
N ILE A 42 19.29 -19.22 -5.51
CA ILE A 42 19.55 -19.25 -4.08
C ILE A 42 20.49 -18.12 -3.68
N GLN A 43 21.61 -18.02 -4.39
CA GLN A 43 22.60 -16.99 -4.13
C GLN A 43 22.04 -15.58 -4.30
N SER A 44 21.05 -15.45 -5.19
CA SER A 44 20.36 -14.17 -5.43
C SER A 44 19.47 -13.75 -4.25
N GLY A 45 18.76 -14.71 -3.67
CA GLY A 45 17.96 -14.45 -2.46
C GLY A 45 16.76 -15.35 -2.23
N MET A 46 16.71 -16.49 -2.92
CA MET A 46 15.59 -17.41 -2.75
C MET A 46 15.68 -18.16 -1.42
N SER A 47 14.54 -18.25 -0.73
CA SER A 47 14.41 -19.06 0.48
C SER A 47 13.45 -20.22 0.26
N VAL A 48 12.48 -20.03 -0.63
CA VAL A 48 11.44 -21.03 -0.90
C VAL A 48 11.25 -21.23 -2.40
N ALA A 49 11.26 -22.49 -2.83
CA ALA A 49 10.95 -22.86 -4.20
C ALA A 49 9.47 -23.23 -4.32
N ARG A 50 8.75 -22.48 -5.15
CA ARG A 50 7.32 -22.72 -5.39
C ARG A 50 7.09 -23.56 -6.64
N MET A 51 6.31 -24.62 -6.48
CA MET A 51 5.89 -25.45 -7.61
C MET A 51 4.44 -25.18 -7.93
N ASN A 52 4.18 -24.69 -9.13
CA ASN A 52 2.82 -24.42 -9.58
C ASN A 52 2.19 -25.64 -10.25
N PHE A 53 1.20 -26.21 -9.58
CA PHE A 53 0.51 -27.39 -10.07
C PHE A 53 -0.74 -27.05 -10.88
N SER A 54 -0.79 -25.83 -11.39
CA SER A 54 -1.75 -25.46 -12.45
C SER A 54 -1.23 -26.02 -13.77
N HIS A 55 0.09 -26.10 -13.87
CA HIS A 55 0.78 -26.59 -15.07
C HIS A 55 1.72 -27.74 -14.70
N GLY A 56 2.24 -28.43 -15.72
CA GLY A 56 3.27 -29.45 -15.54
C GLY A 56 2.79 -30.77 -14.96
N SER A 57 3.56 -31.83 -15.24
CA SER A 57 3.25 -33.17 -14.76
C SER A 57 4.07 -33.53 -13.51
N HIS A 58 3.76 -34.69 -12.93
CA HIS A 58 4.45 -35.20 -11.75
C HIS A 58 5.95 -35.41 -12.01
N GLU A 59 6.29 -35.92 -13.19
CA GLU A 59 7.69 -36.13 -13.59
C GLU A 59 8.44 -34.80 -13.71
N TYR A 60 7.74 -33.77 -14.18
CA TYR A 60 8.33 -32.43 -14.31
C TYR A 60 8.63 -31.81 -12.95
N HIS A 61 7.66 -31.85 -12.04
CA HIS A 61 7.83 -31.30 -10.70
C HIS A 61 8.76 -32.16 -9.85
N GLN A 62 8.89 -33.45 -10.21
CA GLN A 62 9.83 -34.35 -9.55
C GLN A 62 11.27 -33.88 -9.74
N THR A 63 11.61 -33.47 -10.97
CA THR A 63 12.95 -32.95 -11.27
C THR A 63 13.20 -31.65 -10.53
N THR A 64 12.16 -30.83 -10.37
CA THR A 64 12.23 -29.62 -9.55
C THR A 64 12.59 -29.98 -8.11
N ILE A 65 11.82 -30.91 -7.52
CA ILE A 65 12.09 -31.38 -6.16
C ILE A 65 13.54 -31.87 -6.03
N ASN A 66 13.97 -32.70 -6.97
CA ASN A 66 15.35 -33.19 -7.01
C ASN A 66 16.38 -32.08 -7.08
N ASN A 67 16.28 -31.24 -8.11
CA ASN A 67 17.26 -30.18 -8.37
C ASN A 67 17.41 -29.17 -7.25
N VAL A 68 16.30 -28.79 -6.63
CA VAL A 68 16.31 -27.89 -5.49
C VAL A 68 17.14 -28.50 -4.35
N ARG A 69 16.87 -29.77 -4.07
CA ARG A 69 17.58 -30.50 -3.02
C ARG A 69 19.08 -30.63 -3.28
N GLN A 70 19.47 -30.79 -4.54
CA GLN A 70 20.88 -30.88 -4.91
C GLN A 70 21.58 -29.51 -4.83
N ALA A 71 20.90 -28.47 -5.32
CA ALA A 71 21.41 -27.12 -5.26
C ALA A 71 21.51 -26.61 -3.81
N ALA A 72 20.61 -27.10 -2.96
CA ALA A 72 20.63 -26.76 -1.54
C ALA A 72 21.84 -27.41 -0.84
N ALA A 73 22.08 -28.68 -1.14
CA ALA A 73 23.17 -29.44 -0.53
C ALA A 73 24.56 -28.94 -0.97
N GLU A 74 24.66 -28.53 -2.23
CA GLU A 74 25.92 -28.04 -2.81
C GLU A 74 26.34 -26.67 -2.29
N LEU A 75 25.38 -25.90 -1.78
CA LEU A 75 25.67 -24.57 -1.21
C LEU A 75 25.61 -24.56 0.32
N GLY A 76 25.37 -25.72 0.92
CA GLY A 76 25.29 -25.85 2.38
C GLY A 76 24.13 -25.11 3.00
N VAL A 77 23.00 -25.07 2.30
CA VAL A 77 21.81 -24.37 2.76
C VAL A 77 20.57 -25.25 2.82
N ASN A 78 19.54 -24.78 3.52
CA ASN A 78 18.26 -25.47 3.59
C ASN A 78 17.19 -24.65 2.87
N ILE A 79 16.60 -25.24 1.83
CA ILE A 79 15.59 -24.54 1.02
C ILE A 79 14.24 -25.23 1.15
N ALA A 80 13.22 -24.43 1.46
CA ALA A 80 11.86 -24.91 1.57
C ALA A 80 11.27 -25.17 0.19
N ILE A 81 10.45 -26.21 0.10
CA ILE A 81 9.78 -26.59 -1.14
C ILE A 81 8.27 -26.53 -0.95
N ALA A 82 7.62 -25.72 -1.77
CA ALA A 82 6.19 -25.46 -1.64
C ALA A 82 5.40 -25.99 -2.82
N LEU A 83 4.30 -26.67 -2.53
CA LEU A 83 3.37 -27.16 -3.54
C LEU A 83 2.15 -26.25 -3.61
N ASP A 84 1.98 -25.58 -4.75
CA ASP A 84 0.83 -24.71 -4.99
C ASP A 84 -0.22 -25.43 -5.82
N THR A 85 -1.34 -25.78 -5.20
CA THR A 85 -2.40 -26.53 -5.87
C THR A 85 -3.07 -25.73 -6.98
N LYS A 86 -3.61 -26.44 -7.96
CA LYS A 86 -4.38 -25.83 -9.05
C LYS A 86 -5.70 -25.30 -8.50
N GLY A 87 -6.35 -26.08 -7.65
CA GLY A 87 -7.62 -25.69 -7.03
C GLY A 87 -8.84 -25.97 -7.88
N PRO A 88 -10.04 -25.88 -7.28
CA PRO A 88 -11.29 -26.03 -8.02
C PRO A 88 -11.57 -24.82 -8.91
N GLU A 89 -12.17 -25.07 -10.07
CA GLU A 89 -12.39 -24.02 -11.06
C GLU A 89 -13.79 -24.07 -11.66
N ILE A 90 -14.22 -22.91 -12.16
CA ILE A 90 -15.45 -22.80 -12.93
C ILE A 90 -15.08 -22.27 -14.32
N ARG A 91 -15.25 -23.12 -15.34
CA ARG A 91 -14.88 -22.75 -16.71
C ARG A 91 -16.07 -22.88 -17.67
N THR A 92 -15.97 -22.16 -18.79
CA THR A 92 -16.91 -22.33 -19.90
C THR A 92 -16.67 -23.67 -20.59
N GLY A 93 -17.58 -24.04 -21.49
CA GLY A 93 -17.40 -25.21 -22.33
C GLY A 93 -16.59 -24.87 -23.56
N GLN A 94 -16.72 -25.70 -24.59
CA GLN A 94 -16.06 -25.48 -25.89
C GLN A 94 -16.94 -24.63 -26.79
N PHE A 95 -16.39 -24.24 -27.94
CA PHE A 95 -17.14 -23.46 -28.93
C PHE A 95 -16.95 -23.99 -30.35
N VAL A 96 -17.96 -23.78 -31.19
CA VAL A 96 -17.91 -24.18 -32.60
C VAL A 96 -17.02 -23.21 -33.37
N GLY A 97 -15.91 -23.72 -33.90
CA GLY A 97 -14.93 -22.88 -34.59
C GLY A 97 -13.89 -22.28 -33.65
N GLY A 98 -14.06 -22.51 -32.36
CA GLY A 98 -13.10 -22.06 -31.35
C GLY A 98 -13.42 -20.73 -30.69
N ASP A 99 -14.06 -19.84 -31.43
CA ASP A 99 -14.32 -18.47 -30.95
C ASP A 99 -15.80 -18.22 -30.63
N ALA A 100 -16.03 -17.19 -29.82
CA ALA A 100 -17.37 -16.67 -29.57
C ALA A 100 -17.32 -15.14 -29.47
N VAL A 101 -17.78 -14.47 -30.52
CA VAL A 101 -17.74 -13.01 -30.60
C VAL A 101 -18.92 -12.41 -29.82
N MET A 102 -18.59 -11.78 -28.69
CA MET A 102 -19.60 -11.20 -27.80
C MET A 102 -19.68 -9.69 -28.00
N GLU A 103 -20.75 -9.23 -28.64
CA GLU A 103 -20.95 -7.82 -28.94
C GLU A 103 -21.74 -7.16 -27.81
N ARG A 104 -21.43 -5.91 -27.51
CA ARG A 104 -22.12 -5.16 -26.45
C ARG A 104 -23.60 -4.99 -26.78
N GLY A 105 -24.44 -5.13 -25.76
CA GLY A 105 -25.90 -4.96 -25.90
C GLY A 105 -26.61 -6.20 -26.39
N ALA A 106 -25.85 -7.25 -26.69
CA ALA A 106 -26.39 -8.51 -27.17
C ALA A 106 -26.93 -9.36 -26.02
N THR A 107 -27.88 -10.23 -26.34
CA THR A 107 -28.42 -11.17 -25.37
C THR A 107 -27.82 -12.55 -25.63
N CYS A 108 -27.43 -13.22 -24.55
CA CYS A 108 -26.91 -14.58 -24.63
C CYS A 108 -27.45 -15.44 -23.48
N TYR A 109 -27.23 -16.75 -23.58
CA TYR A 109 -27.75 -17.69 -22.59
C TYR A 109 -26.65 -18.61 -22.07
N VAL A 110 -26.51 -18.67 -20.75
CA VAL A 110 -25.56 -19.59 -20.12
C VAL A 110 -26.31 -20.73 -19.44
N THR A 111 -25.86 -21.96 -19.71
CA THR A 111 -26.54 -23.15 -19.19
C THR A 111 -25.59 -24.13 -18.54
N THR A 112 -26.09 -24.85 -17.53
CA THR A 112 -25.32 -25.88 -16.83
C THR A 112 -25.59 -27.26 -17.41
N ASP A 113 -26.32 -27.30 -18.53
CA ASP A 113 -26.65 -28.53 -19.24
C ASP A 113 -25.44 -29.08 -20.00
N PRO A 114 -24.98 -30.28 -19.62
CA PRO A 114 -23.76 -30.89 -20.17
C PRO A 114 -23.83 -31.25 -21.66
N ALA A 115 -25.02 -31.15 -22.26
CA ALA A 115 -25.20 -31.42 -23.68
C ALA A 115 -24.59 -30.32 -24.56
N PHE A 116 -24.46 -29.13 -23.99
CA PHE A 116 -23.92 -27.96 -24.70
C PHE A 116 -22.42 -27.76 -24.46
N ALA A 117 -21.80 -28.71 -23.76
CA ALA A 117 -20.39 -28.61 -23.39
C ALA A 117 -19.45 -28.65 -24.60
N ASP A 118 -19.80 -29.47 -25.59
CA ASP A 118 -18.95 -29.69 -26.76
C ASP A 118 -19.38 -28.86 -27.99
N LYS A 119 -20.47 -28.10 -27.85
CA LYS A 119 -21.06 -27.39 -29.00
C LYS A 119 -21.62 -26.00 -28.63
N GLY A 120 -20.76 -25.17 -28.04
CA GLY A 120 -21.14 -23.82 -27.65
C GLY A 120 -21.08 -22.82 -28.79
N THR A 121 -21.96 -21.83 -28.74
CA THR A 121 -21.97 -20.72 -29.71
C THR A 121 -22.03 -19.38 -28.96
N LYS A 122 -22.11 -18.29 -29.71
CA LYS A 122 -22.20 -16.94 -29.13
C LYS A 122 -23.54 -16.69 -28.41
N ASP A 123 -24.57 -17.44 -28.80
CA ASP A 123 -25.91 -17.28 -28.25
C ASP A 123 -26.16 -18.12 -27.00
N LYS A 124 -25.58 -19.31 -26.96
CA LYS A 124 -25.77 -20.24 -25.85
C LYS A 124 -24.55 -21.12 -25.64
N PHE A 125 -24.01 -21.12 -24.42
CA PHE A 125 -22.86 -21.93 -24.07
C PHE A 125 -22.89 -22.48 -22.64
N TYR A 126 -21.93 -23.35 -22.34
CA TYR A 126 -21.90 -24.12 -21.10
C TYR A 126 -20.96 -23.54 -20.05
N ILE A 127 -21.38 -23.60 -18.79
CA ILE A 127 -20.53 -23.30 -17.63
C ILE A 127 -20.62 -24.48 -16.67
N ASP A 128 -19.47 -25.04 -16.29
CA ASP A 128 -19.44 -26.36 -15.63
C ASP A 128 -19.78 -26.41 -14.13
N TYR A 129 -20.16 -25.27 -13.56
CA TYR A 129 -20.53 -25.19 -12.15
C TYR A 129 -22.03 -25.42 -11.99
N GLN A 130 -22.40 -26.65 -11.61
CA GLN A 130 -23.79 -27.10 -11.54
C GLN A 130 -24.72 -26.22 -10.69
N ASN A 131 -24.18 -25.62 -9.64
CA ASN A 131 -24.97 -24.78 -8.74
C ASN A 131 -25.09 -23.32 -9.16
N LEU A 132 -24.81 -23.04 -10.44
CA LEU A 132 -24.83 -21.67 -10.96
C LEU A 132 -26.21 -21.01 -10.93
N SER A 133 -27.25 -21.82 -11.15
CA SER A 133 -28.63 -21.33 -11.20
C SER A 133 -29.16 -20.88 -9.84
N LYS A 134 -28.71 -21.53 -8.78
CA LYS A 134 -29.17 -21.23 -7.41
C LYS A 134 -28.27 -20.22 -6.68
N VAL A 135 -27.05 -20.07 -7.17
CA VAL A 135 -26.07 -19.15 -6.57
C VAL A 135 -26.23 -17.71 -7.10
N VAL A 136 -26.54 -17.59 -8.39
CA VAL A 136 -26.59 -16.29 -9.06
C VAL A 136 -28.00 -15.73 -9.22
N ARG A 137 -28.25 -14.60 -8.56
CA ARG A 137 -29.49 -13.84 -8.67
C ARG A 137 -29.46 -12.98 -9.94
N PRO A 138 -30.65 -12.59 -10.46
CA PRO A 138 -30.66 -11.56 -11.50
C PRO A 138 -30.15 -10.22 -10.95
N GLY A 139 -29.33 -9.53 -11.74
CA GLY A 139 -28.66 -8.31 -11.29
C GLY A 139 -27.18 -8.55 -11.02
N ASN A 140 -26.83 -9.81 -10.76
CA ASN A 140 -25.44 -10.21 -10.54
C ASN A 140 -24.63 -10.27 -11.84
N TYR A 141 -23.31 -10.42 -11.70
CA TYR A 141 -22.41 -10.41 -12.85
C TYR A 141 -21.63 -11.71 -12.99
N ILE A 142 -21.41 -12.10 -14.25
CA ILE A 142 -20.57 -13.25 -14.58
C ILE A 142 -19.35 -12.76 -15.34
N TYR A 143 -18.16 -13.01 -14.78
CA TYR A 143 -16.92 -12.63 -15.43
C TYR A 143 -16.32 -13.85 -16.13
N ILE A 144 -15.97 -13.68 -17.41
CA ILE A 144 -15.36 -14.75 -18.20
C ILE A 144 -14.03 -14.26 -18.77
N ASP A 145 -13.03 -15.14 -18.73
CA ASP A 145 -11.69 -14.87 -19.27
C ASP A 145 -10.97 -13.73 -18.52
N ASP A 146 -10.38 -14.08 -17.37
CA ASP A 146 -9.68 -13.11 -16.50
C ASP A 146 -10.48 -11.83 -16.25
N GLY A 147 -11.81 -11.96 -16.21
CA GLY A 147 -12.70 -10.83 -15.96
C GLY A 147 -12.78 -9.80 -17.08
N ILE A 148 -12.41 -10.19 -18.29
CA ILE A 148 -12.47 -9.29 -19.45
C ILE A 148 -13.89 -9.20 -20.00
N LEU A 149 -14.52 -10.37 -20.21
CA LEU A 149 -15.92 -10.41 -20.61
C LEU A 149 -16.84 -10.32 -19.40
N ILE A 150 -17.73 -9.32 -19.41
CA ILE A 150 -18.66 -9.10 -18.31
C ILE A 150 -20.09 -9.28 -18.78
N LEU A 151 -20.77 -10.28 -18.22
CA LEU A 151 -22.17 -10.53 -18.50
C LEU A 151 -23.01 -10.18 -17.28
N GLN A 152 -24.20 -9.62 -17.51
CA GLN A 152 -25.14 -9.36 -16.42
C GLN A 152 -26.38 -10.23 -16.57
N VAL A 153 -26.68 -10.97 -15.50
CA VAL A 153 -27.83 -11.88 -15.47
C VAL A 153 -29.14 -11.11 -15.39
N GLN A 154 -29.99 -11.29 -16.40
CA GLN A 154 -31.30 -10.63 -16.45
C GLN A 154 -32.39 -11.45 -15.76
N SER A 155 -32.46 -12.74 -16.07
CA SER A 155 -33.50 -13.62 -15.52
C SER A 155 -33.15 -15.10 -15.61
N HIS A 156 -33.75 -15.89 -14.72
CA HIS A 156 -33.71 -17.35 -14.81
C HIS A 156 -34.66 -17.79 -15.92
N GLU A 157 -34.11 -18.29 -17.02
CA GLU A 157 -34.92 -18.76 -18.14
C GLU A 157 -35.59 -20.09 -17.81
N ASP A 158 -34.85 -20.97 -17.15
CA ASP A 158 -35.37 -22.24 -16.64
C ASP A 158 -34.56 -22.72 -15.43
N GLU A 159 -34.53 -24.03 -15.22
CA GLU A 159 -33.84 -24.64 -14.09
C GLU A 159 -32.32 -24.59 -14.23
N GLN A 160 -31.84 -24.58 -15.48
CA GLN A 160 -30.40 -24.67 -15.76
C GLN A 160 -29.84 -23.49 -16.54
N THR A 161 -30.72 -22.73 -17.21
CA THR A 161 -30.29 -21.68 -18.14
C THR A 161 -30.62 -20.28 -17.64
N LEU A 162 -29.64 -19.38 -17.76
CA LEU A 162 -29.79 -17.97 -17.39
C LEU A 162 -29.71 -17.06 -18.62
N GLU A 163 -30.61 -16.09 -18.69
CA GLU A 163 -30.56 -15.05 -19.72
C GLU A 163 -29.59 -13.96 -19.28
N CYS A 164 -28.73 -13.54 -20.20
CA CYS A 164 -27.70 -12.55 -19.88
C CYS A 164 -27.61 -11.41 -20.90
N THR A 165 -27.13 -10.26 -20.43
CA THR A 165 -26.81 -9.13 -21.29
C THR A 165 -25.29 -9.01 -21.40
N VAL A 166 -24.79 -8.89 -22.63
CA VAL A 166 -23.36 -8.67 -22.84
C VAL A 166 -23.06 -7.18 -22.64
N THR A 167 -22.32 -6.87 -21.57
CA THR A 167 -22.07 -5.49 -21.15
C THR A 167 -20.89 -4.83 -21.87
N ASN A 168 -20.00 -5.64 -22.43
CA ASN A 168 -18.84 -5.14 -23.17
C ASN A 168 -18.39 -6.10 -24.29
N SER A 169 -17.88 -5.53 -25.37
CA SER A 169 -17.43 -6.30 -26.53
C SER A 169 -16.08 -6.98 -26.27
N HIS A 170 -16.06 -8.31 -26.45
CA HIS A 170 -14.87 -9.14 -26.25
C HIS A 170 -15.08 -10.53 -26.82
N THR A 171 -14.04 -11.06 -27.47
CA THR A 171 -14.07 -12.40 -28.05
C THR A 171 -13.50 -13.41 -27.05
N ILE A 172 -14.24 -14.51 -26.84
CA ILE A 172 -13.79 -15.59 -25.96
C ILE A 172 -13.55 -16.89 -26.72
N SER A 173 -12.68 -17.73 -26.19
CA SER A 173 -12.38 -19.03 -26.78
C SER A 173 -12.68 -20.20 -25.84
N ASP A 174 -12.17 -21.38 -26.16
CA ASP A 174 -12.47 -22.63 -25.45
C ASP A 174 -12.05 -22.65 -23.98
N ARG A 175 -12.95 -23.18 -23.14
CA ARG A 175 -12.68 -23.44 -21.72
C ARG A 175 -12.03 -22.28 -20.96
N ARG A 176 -12.52 -21.07 -21.20
CA ARG A 176 -12.06 -19.90 -20.45
C ARG A 176 -12.64 -19.88 -19.05
N GLY A 177 -11.82 -19.48 -18.08
CA GLY A 177 -12.20 -19.49 -16.68
C GLY A 177 -13.21 -18.40 -16.35
N VAL A 178 -14.14 -18.72 -15.45
CA VAL A 178 -15.14 -17.73 -15.04
C VAL A 178 -15.07 -17.41 -13.54
N ASN A 179 -15.54 -16.21 -13.19
CA ASN A 179 -15.63 -15.77 -11.81
C ASN A 179 -17.03 -15.28 -11.50
N LEU A 180 -17.47 -15.51 -10.26
CA LEU A 180 -18.76 -15.01 -9.80
C LEU A 180 -18.57 -14.02 -8.67
N PRO A 181 -18.28 -12.74 -9.02
CA PRO A 181 -18.05 -11.72 -7.99
C PRO A 181 -19.31 -11.47 -7.16
N GLY A 182 -19.16 -11.42 -5.85
CA GLY A 182 -20.28 -11.21 -4.93
C GLY A 182 -21.21 -12.41 -4.78
N CYS A 183 -20.77 -13.57 -5.26
CA CYS A 183 -21.53 -14.81 -5.15
C CYS A 183 -20.76 -15.83 -4.33
N ASP A 184 -21.47 -16.59 -3.50
CA ASP A 184 -20.85 -17.59 -2.64
C ASP A 184 -20.66 -18.92 -3.35
N VAL A 185 -19.44 -19.19 -3.77
CA VAL A 185 -19.09 -20.42 -4.47
C VAL A 185 -18.92 -21.56 -3.46
N ASP A 186 -19.65 -22.66 -3.67
CA ASP A 186 -19.63 -23.78 -2.74
C ASP A 186 -18.90 -25.03 -3.29
N LEU A 187 -17.94 -24.80 -4.19
CA LEU A 187 -17.10 -25.88 -4.71
C LEU A 187 -16.25 -26.49 -3.60
N PRO A 188 -16.02 -27.82 -3.64
CA PRO A 188 -15.20 -28.49 -2.63
C PRO A 188 -13.82 -27.86 -2.49
N ALA A 189 -13.26 -27.95 -1.29
CA ALA A 189 -11.95 -27.35 -0.99
C ALA A 189 -10.88 -27.81 -1.97
N VAL A 190 -10.89 -29.11 -2.29
CA VAL A 190 -9.88 -29.70 -3.16
C VAL A 190 -10.52 -30.41 -4.34
N SER A 191 -9.96 -30.18 -5.53
CA SER A 191 -10.39 -30.87 -6.73
C SER A 191 -9.85 -32.29 -6.76
N ALA A 192 -10.40 -33.13 -7.64
CA ALA A 192 -9.93 -34.50 -7.81
C ALA A 192 -8.43 -34.53 -8.14
N LYS A 193 -7.99 -33.58 -8.96
CA LYS A 193 -6.58 -33.43 -9.31
C LYS A 193 -5.74 -33.10 -8.07
N ASP A 194 -6.26 -32.20 -7.23
CA ASP A 194 -5.59 -31.80 -6.00
C ASP A 194 -5.29 -32.99 -5.10
N ARG A 195 -6.29 -33.86 -4.91
CA ARG A 195 -6.15 -35.04 -4.05
C ARG A 195 -4.95 -35.90 -4.48
N VAL A 196 -4.80 -36.07 -5.79
CA VAL A 196 -3.68 -36.82 -6.38
C VAL A 196 -2.37 -36.05 -6.19
N ASP A 197 -2.42 -34.73 -6.41
CA ASP A 197 -1.24 -33.87 -6.30
C ASP A 197 -0.74 -33.73 -4.87
N LEU A 198 -1.67 -33.61 -3.92
CA LEU A 198 -1.34 -33.48 -2.50
C LEU A 198 -0.69 -34.75 -1.95
N GLN A 199 -1.10 -35.89 -2.48
CA GLN A 199 -0.54 -37.19 -2.06
C GLN A 199 0.89 -37.37 -2.60
N PHE A 200 1.14 -36.81 -3.79
CA PHE A 200 2.48 -36.78 -4.37
C PHE A 200 3.42 -35.91 -3.52
N GLY A 201 2.91 -34.75 -3.09
CA GLY A 201 3.65 -33.84 -2.23
C GLY A 201 4.05 -34.43 -0.88
N VAL A 202 3.11 -35.17 -0.28
CA VAL A 202 3.38 -35.88 0.98
C VAL A 202 4.44 -36.97 0.76
N GLU A 203 4.29 -37.73 -0.32
CA GLU A 203 5.23 -38.81 -0.66
C GLU A 203 6.63 -38.30 -0.99
N GLN A 204 6.72 -37.04 -1.43
CA GLN A 204 8.02 -36.43 -1.76
C GLN A 204 8.56 -35.57 -0.63
N GLY A 205 7.74 -35.32 0.37
CA GLY A 205 8.15 -34.57 1.56
C GLY A 205 8.26 -33.07 1.33
N VAL A 206 7.20 -32.49 0.75
CA VAL A 206 7.14 -31.03 0.59
C VAL A 206 6.94 -30.35 1.95
N ASP A 207 7.52 -29.17 2.08
CA ASP A 207 7.52 -28.46 3.37
C ASP A 207 6.19 -27.79 3.67
N MET A 208 5.47 -27.41 2.61
CA MET A 208 4.25 -26.61 2.76
C MET A 208 3.34 -26.69 1.54
N ILE A 209 2.04 -26.47 1.77
CA ILE A 209 1.05 -26.37 0.70
C ILE A 209 0.54 -24.93 0.61
N PHE A 210 0.57 -24.36 -0.59
CA PHE A 210 -0.14 -23.11 -0.86
C PHE A 210 -1.52 -23.47 -1.41
N ALA A 211 -2.48 -23.64 -0.51
CA ALA A 211 -3.81 -24.14 -0.86
C ALA A 211 -4.66 -23.09 -1.56
N SER A 212 -5.06 -23.41 -2.80
CA SER A 212 -5.79 -22.47 -3.65
C SER A 212 -7.25 -22.26 -3.23
N PHE A 213 -7.75 -21.06 -3.51
CA PHE A 213 -9.18 -20.72 -3.46
C PHE A 213 -9.87 -21.09 -2.14
N ILE A 214 -9.23 -20.74 -1.02
CA ILE A 214 -9.78 -21.06 0.30
C ILE A 214 -10.85 -20.04 0.69
N ARG A 215 -12.03 -20.55 1.06
CA ARG A 215 -13.21 -19.71 1.25
C ARG A 215 -13.80 -19.76 2.66
N SER A 216 -13.48 -20.81 3.42
CA SER A 216 -13.96 -20.95 4.79
C SER A 216 -12.99 -21.78 5.63
N ALA A 217 -13.20 -21.77 6.95
CA ALA A 217 -12.33 -22.50 7.88
C ALA A 217 -12.48 -24.02 7.74
N GLU A 218 -13.69 -24.46 7.44
CA GLU A 218 -14.00 -25.89 7.22
C GLU A 218 -13.10 -26.49 6.15
N GLN A 219 -12.84 -25.70 5.11
CA GLN A 219 -12.03 -26.11 3.96
C GLN A 219 -10.56 -26.36 4.32
N VAL A 220 -10.04 -25.58 5.27
CA VAL A 220 -8.66 -25.73 5.73
C VAL A 220 -8.43 -27.15 6.27
N GLY A 221 -9.41 -27.65 7.04
CA GLY A 221 -9.37 -29.00 7.58
C GLY A 221 -9.57 -30.10 6.54
N ASP A 222 -10.15 -29.75 5.39
CA ASP A 222 -10.34 -30.71 4.30
C ASP A 222 -9.02 -31.01 3.60
N VAL A 223 -8.21 -29.97 3.42
CA VAL A 223 -6.85 -30.12 2.87
C VAL A 223 -6.02 -30.97 3.83
N ARG A 224 -6.13 -30.68 5.13
CA ARG A 224 -5.53 -31.47 6.20
C ARG A 224 -5.85 -32.96 6.05
N LYS A 225 -7.14 -33.26 5.88
CA LYS A 225 -7.61 -34.62 5.65
C LYS A 225 -6.95 -35.22 4.41
N ALA A 226 -6.92 -34.44 3.33
CA ALA A 226 -6.35 -34.86 2.04
C ALA A 226 -4.85 -35.16 2.12
N LEU A 227 -4.15 -34.49 3.03
CA LEU A 227 -2.73 -34.74 3.25
C LEU A 227 -2.47 -36.10 3.90
N GLY A 228 -3.45 -36.60 4.66
CA GLY A 228 -3.34 -37.88 5.34
C GLY A 228 -2.58 -37.81 6.65
N PRO A 229 -2.35 -38.97 7.29
CA PRO A 229 -1.62 -39.02 8.55
C PRO A 229 -0.12 -38.73 8.40
N LYS A 230 0.45 -39.10 7.26
CA LYS A 230 1.89 -38.95 6.99
C LYS A 230 2.32 -37.52 6.64
N GLY A 231 1.36 -36.61 6.57
CA GLY A 231 1.65 -35.21 6.23
C GLY A 231 1.10 -34.19 7.22
N ARG A 232 0.90 -34.61 8.47
CA ARG A 232 0.34 -33.75 9.51
C ARG A 232 1.26 -32.58 9.88
N ASP A 233 2.54 -32.68 9.51
CA ASP A 233 3.54 -31.66 9.82
C ASP A 233 3.81 -30.73 8.64
N ILE A 234 3.10 -30.94 7.54
CA ILE A 234 3.18 -30.05 6.38
C ILE A 234 2.32 -28.81 6.62
N MET A 235 2.93 -27.63 6.51
CA MET A 235 2.22 -26.37 6.72
C MET A 235 1.15 -26.15 5.66
N ILE A 236 0.00 -25.63 6.08
CA ILE A 236 -1.05 -25.23 5.14
C ILE A 236 -1.18 -23.70 5.08
N ILE A 237 -0.70 -23.12 3.97
CA ILE A 237 -0.83 -21.70 3.72
C ILE A 237 -2.03 -21.48 2.81
N CYS A 238 -3.05 -20.81 3.34
CA CYS A 238 -4.31 -20.61 2.62
C CYS A 238 -4.30 -19.39 1.72
N LYS A 239 -4.57 -19.62 0.43
CA LYS A 239 -4.63 -18.54 -0.57
C LYS A 239 -6.00 -17.89 -0.61
N ILE A 240 -6.05 -16.61 -0.26
CA ILE A 240 -7.28 -15.84 -0.27
C ILE A 240 -7.46 -15.19 -1.62
N GLU A 241 -8.52 -15.59 -2.33
CA GLU A 241 -8.69 -15.25 -3.74
C GLU A 241 -9.98 -14.50 -4.06
N ASN A 242 -10.96 -14.57 -3.15
CA ASN A 242 -12.23 -13.87 -3.34
C ASN A 242 -12.78 -13.27 -2.05
N HIS A 243 -13.98 -12.70 -2.14
CA HIS A 243 -14.62 -12.03 -1.01
C HIS A 243 -14.88 -12.99 0.15
N GLN A 244 -15.25 -14.23 -0.17
CA GLN A 244 -15.48 -15.27 0.84
C GLN A 244 -14.28 -15.41 1.76
N GLY A 245 -13.09 -15.57 1.17
CA GLY A 245 -11.84 -15.67 1.92
C GLY A 245 -11.56 -14.45 2.78
N VAL A 246 -11.87 -13.27 2.22
CA VAL A 246 -11.72 -12.01 2.95
C VAL A 246 -12.75 -11.91 4.09
N GLN A 247 -13.99 -12.26 3.80
CA GLN A 247 -15.06 -12.21 4.81
C GLN A 247 -14.81 -13.16 6.00
N ASN A 248 -14.21 -14.31 5.72
CA ASN A 248 -14.02 -15.35 6.73
C ASN A 248 -12.58 -15.48 7.22
N ILE A 249 -11.77 -14.45 6.98
CA ILE A 249 -10.33 -14.47 7.25
C ILE A 249 -9.95 -14.81 8.70
N ASP A 250 -10.78 -14.41 9.67
CA ASP A 250 -10.48 -14.64 11.08
C ASP A 250 -10.41 -16.12 11.46
N SER A 251 -11.43 -16.88 11.05
CA SER A 251 -11.48 -18.31 11.34
C SER A 251 -10.52 -19.10 10.45
N ILE A 252 -10.25 -18.59 9.25
CA ILE A 252 -9.32 -19.22 8.31
C ILE A 252 -7.87 -19.12 8.81
N ILE A 253 -7.48 -17.94 9.29
CA ILE A 253 -6.19 -17.75 9.94
C ILE A 253 -6.02 -18.71 11.11
N GLU A 254 -7.07 -18.82 11.92
CA GLU A 254 -7.08 -19.65 13.11
C GLU A 254 -6.77 -21.12 12.80
N GLU A 255 -7.28 -21.60 11.68
CA GLU A 255 -7.09 -22.99 11.25
C GLU A 255 -5.81 -23.18 10.42
N SER A 256 -5.52 -22.20 9.56
CA SER A 256 -4.35 -22.25 8.68
C SER A 256 -3.04 -22.20 9.44
N ASP A 257 -1.95 -22.51 8.73
CA ASP A 257 -0.61 -22.27 9.23
C ASP A 257 -0.06 -20.98 8.65
N GLY A 258 -0.89 -20.30 7.87
CA GLY A 258 -0.50 -19.05 7.22
C GLY A 258 -1.37 -18.65 6.06
N ILE A 259 -1.14 -17.46 5.53
CA ILE A 259 -2.00 -16.87 4.51
C ILE A 259 -1.21 -16.34 3.31
N MET A 260 -1.77 -16.52 2.12
CA MET A 260 -1.25 -15.87 0.92
C MET A 260 -2.25 -14.88 0.35
N VAL A 261 -1.87 -13.61 0.35
CA VAL A 261 -2.64 -12.56 -0.30
C VAL A 261 -2.36 -12.63 -1.80
N ALA A 262 -3.32 -13.18 -2.54
CA ALA A 262 -3.19 -13.33 -3.98
C ALA A 262 -3.90 -12.18 -4.67
N ARG A 263 -3.21 -11.04 -4.75
CA ARG A 263 -3.79 -9.80 -5.28
C ARG A 263 -4.36 -9.92 -6.69
N GLY A 264 -3.66 -10.65 -7.55
CA GLY A 264 -4.12 -10.87 -8.93
C GLY A 264 -5.48 -11.54 -8.96
N ASP A 265 -5.57 -12.68 -8.29
CA ASP A 265 -6.82 -13.44 -8.17
C ASP A 265 -7.94 -12.61 -7.56
N LEU A 266 -7.62 -11.90 -6.47
CA LEU A 266 -8.58 -11.04 -5.77
C LEU A 266 -9.08 -9.89 -6.63
N GLY A 267 -8.15 -9.28 -7.38
CA GLY A 267 -8.45 -8.13 -8.23
C GLY A 267 -9.30 -8.43 -9.45
N VAL A 268 -9.57 -9.71 -9.69
CA VAL A 268 -10.49 -10.12 -10.76
C VAL A 268 -11.92 -9.74 -10.36
N GLU A 269 -12.26 -10.00 -9.10
CA GLU A 269 -13.62 -9.86 -8.60
C GLU A 269 -13.83 -8.56 -7.81
N ILE A 270 -12.78 -8.13 -7.12
CA ILE A 270 -12.81 -6.95 -6.26
C ILE A 270 -12.01 -5.81 -6.90
N PRO A 271 -12.52 -4.57 -6.84
CA PRO A 271 -11.77 -3.41 -7.32
C PRO A 271 -10.37 -3.35 -6.72
N ALA A 272 -9.39 -2.98 -7.54
CA ALA A 272 -7.98 -2.98 -7.16
C ALA A 272 -7.69 -2.17 -5.89
N GLU A 273 -8.39 -1.05 -5.72
CA GLU A 273 -8.19 -0.18 -4.56
C GLU A 273 -8.67 -0.82 -3.26
N LYS A 274 -9.67 -1.69 -3.34
CA LYS A 274 -10.14 -2.42 -2.17
C LYS A 274 -9.20 -3.58 -1.82
N VAL A 275 -8.57 -4.15 -2.85
CA VAL A 275 -7.62 -5.25 -2.67
C VAL A 275 -6.37 -4.76 -1.94
N VAL A 276 -5.96 -3.52 -2.25
CA VAL A 276 -4.87 -2.84 -1.55
C VAL A 276 -5.17 -2.73 -0.05
N VAL A 277 -6.41 -2.41 0.29
CA VAL A 277 -6.84 -2.35 1.69
C VAL A 277 -6.93 -3.75 2.27
N ALA A 278 -7.51 -4.69 1.52
CA ALA A 278 -7.56 -6.10 1.93
C ALA A 278 -6.18 -6.64 2.26
N GLN A 279 -5.17 -6.23 1.48
CA GLN A 279 -3.79 -6.58 1.75
C GLN A 279 -3.35 -6.10 3.15
N LYS A 280 -3.61 -4.83 3.46
CA LYS A 280 -3.31 -4.23 4.77
C LYS A 280 -3.92 -5.03 5.91
N ILE A 281 -5.23 -5.28 5.81
CA ILE A 281 -5.99 -6.03 6.80
C ILE A 281 -5.40 -7.43 7.01
N LEU A 282 -5.29 -8.20 5.93
CA LEU A 282 -4.87 -9.59 6.01
C LEU A 282 -3.48 -9.77 6.62
N ILE A 283 -2.54 -8.93 6.21
CA ILE A 283 -1.18 -8.97 6.74
C ILE A 283 -1.16 -8.64 8.23
N SER A 284 -1.80 -7.53 8.62
CA SER A 284 -1.87 -7.13 10.03
C SER A 284 -2.50 -8.21 10.91
N LYS A 285 -3.60 -8.80 10.45
CA LYS A 285 -4.26 -9.90 11.16
C LYS A 285 -3.33 -11.11 11.37
N CYS A 286 -2.58 -11.47 10.34
CA CYS A 286 -1.59 -12.56 10.44
C CYS A 286 -0.45 -12.23 11.39
N ASN A 287 0.01 -10.97 11.37
CA ASN A 287 1.06 -10.53 12.29
C ASN A 287 0.63 -10.68 13.73
N VAL A 288 -0.63 -10.36 14.03
CA VAL A 288 -1.19 -10.49 15.36
C VAL A 288 -1.34 -11.97 15.77
N ALA A 289 -1.64 -12.82 14.80
CA ALA A 289 -1.87 -14.24 15.05
C ALA A 289 -0.58 -15.07 15.04
N GLY A 290 0.54 -14.45 14.70
CA GLY A 290 1.83 -15.12 14.69
C GLY A 290 2.08 -16.03 13.51
N LYS A 291 1.20 -15.99 12.51
CA LYS A 291 1.32 -16.83 11.33
C LYS A 291 2.00 -16.11 10.17
N PRO A 292 2.83 -16.84 9.38
CA PRO A 292 3.47 -16.27 8.20
C PRO A 292 2.45 -15.81 7.18
N VAL A 293 2.71 -14.66 6.57
CA VAL A 293 1.85 -14.15 5.50
C VAL A 293 2.68 -13.74 4.28
N ILE A 294 2.19 -14.13 3.10
CA ILE A 294 2.89 -13.90 1.83
C ILE A 294 2.14 -12.88 0.99
N CYS A 295 2.87 -11.89 0.48
CA CYS A 295 2.34 -10.98 -0.50
C CYS A 295 2.72 -11.54 -1.87
N ALA A 296 1.71 -11.91 -2.65
CA ALA A 296 1.96 -12.68 -3.87
C ALA A 296 1.28 -12.13 -5.10
N THR A 297 1.78 -12.54 -6.27
CA THR A 297 1.27 -12.14 -7.58
C THR A 297 1.48 -10.67 -7.90
N GLN A 298 1.84 -10.40 -9.15
CA GLN A 298 2.02 -9.04 -9.68
C GLN A 298 2.99 -8.20 -8.85
N MET A 299 4.10 -8.81 -8.46
CA MET A 299 5.09 -8.14 -7.62
C MET A 299 6.05 -7.28 -8.42
N LEU A 300 6.75 -7.90 -9.38
CA LEU A 300 7.67 -7.19 -10.26
C LEU A 300 7.53 -7.73 -11.68
N GLU A 301 6.30 -7.70 -12.19
CA GLU A 301 5.92 -8.38 -13.43
C GLU A 301 6.62 -7.88 -14.69
N SER A 302 6.81 -6.57 -14.82
CA SER A 302 7.45 -6.01 -16.01
C SER A 302 8.90 -6.50 -16.19
N MET A 303 9.52 -6.93 -15.09
CA MET A 303 10.88 -7.44 -15.09
C MET A 303 10.97 -8.87 -15.65
N THR A 304 9.81 -9.46 -15.96
CA THR A 304 9.75 -10.76 -16.63
C THR A 304 10.43 -10.69 -17.99
N TYR A 305 10.31 -9.53 -18.65
CA TYR A 305 10.94 -9.35 -19.97
C TYR A 305 11.78 -8.07 -20.12
N ASN A 306 11.64 -7.14 -19.19
CA ASN A 306 12.48 -5.93 -19.16
C ASN A 306 13.61 -6.06 -18.12
N PRO A 307 14.77 -5.45 -18.38
CA PRO A 307 15.89 -5.49 -17.44
C PRO A 307 15.61 -4.80 -16.10
N ARG A 308 14.68 -3.83 -16.10
CA ARG A 308 14.34 -3.09 -14.89
C ARG A 308 12.81 -2.94 -14.75
N PRO A 309 12.30 -2.96 -13.52
CA PRO A 309 10.85 -2.83 -13.34
C PRO A 309 10.40 -1.37 -13.26
N THR A 310 9.09 -1.15 -13.34
CA THR A 310 8.54 0.19 -13.22
C THR A 310 8.67 0.68 -11.77
N ARG A 311 8.72 2.01 -11.62
CA ARG A 311 8.84 2.65 -10.32
C ARG A 311 7.70 2.25 -9.36
N ALA A 312 6.49 2.13 -9.90
CA ALA A 312 5.31 1.74 -9.12
C ALA A 312 5.43 0.32 -8.58
N GLU A 313 6.06 -0.56 -9.35
CA GLU A 313 6.28 -1.94 -8.95
C GLU A 313 7.23 -2.06 -7.75
N VAL A 314 8.31 -1.29 -7.80
CA VAL A 314 9.26 -1.18 -6.69
C VAL A 314 8.53 -0.69 -5.44
N SER A 315 7.76 0.38 -5.61
CA SER A 315 6.92 0.95 -4.55
C SER A 315 6.01 -0.12 -3.93
N ASP A 316 5.38 -0.92 -4.79
CA ASP A 316 4.48 -1.99 -4.35
C ASP A 316 5.20 -3.01 -3.46
N VAL A 317 6.42 -3.39 -3.87
CA VAL A 317 7.22 -4.36 -3.12
C VAL A 317 7.61 -3.80 -1.75
N ALA A 318 8.10 -2.56 -1.71
CA ALA A 318 8.47 -1.90 -0.45
C ALA A 318 7.29 -1.81 0.51
N ASN A 319 6.13 -1.43 -0.01
CA ASN A 319 4.92 -1.30 0.80
C ASN A 319 4.37 -2.65 1.28
N ALA A 320 4.74 -3.72 0.58
CA ALA A 320 4.48 -5.07 1.06
C ALA A 320 5.21 -5.29 2.39
N VAL A 321 6.50 -4.94 2.41
CA VAL A 321 7.33 -5.01 3.61
C VAL A 321 6.79 -4.07 4.68
N PHE A 322 6.46 -2.84 4.30
CA PHE A 322 5.89 -1.86 5.23
C PHE A 322 4.57 -2.32 5.85
N ASN A 323 3.74 -2.99 5.06
CA ASN A 323 2.49 -3.57 5.57
C ASN A 323 2.75 -4.55 6.71
N GLY A 324 3.84 -5.30 6.60
CA GLY A 324 4.26 -6.24 7.64
C GLY A 324 4.37 -7.66 7.13
N ALA A 325 4.59 -7.81 5.83
CA ALA A 325 4.63 -9.12 5.19
C ALA A 325 5.84 -9.93 5.63
N ASP A 326 5.62 -11.23 5.85
CA ASP A 326 6.69 -12.18 6.11
C ASP A 326 7.43 -12.48 4.81
N CYS A 327 6.68 -12.67 3.73
CA CYS A 327 7.25 -13.05 2.44
C CYS A 327 6.74 -12.25 1.26
N VAL A 328 7.58 -12.15 0.23
CA VAL A 328 7.23 -11.56 -1.05
C VAL A 328 7.43 -12.63 -2.13
N MET A 329 6.47 -12.76 -3.05
CA MET A 329 6.50 -13.87 -4.01
C MET A 329 6.78 -13.46 -5.46
N LEU A 330 7.40 -14.36 -6.21
CA LEU A 330 7.65 -14.17 -7.62
C LEU A 330 7.05 -15.33 -8.40
N SER A 331 6.28 -15.01 -9.44
CA SER A 331 5.62 -16.01 -10.26
C SER A 331 6.35 -16.21 -11.59
N GLY A 332 5.82 -15.59 -12.65
CA GLY A 332 6.40 -15.69 -13.98
C GLY A 332 7.83 -15.18 -14.08
N GLU A 333 8.18 -14.22 -13.22
CA GLU A 333 9.49 -13.56 -13.25
C GLU A 333 10.67 -14.52 -13.11
N THR A 334 10.48 -15.56 -12.30
CA THR A 334 11.51 -16.59 -12.13
C THR A 334 11.17 -17.86 -12.89
N ALA A 335 9.88 -18.09 -13.12
CA ALA A 335 9.43 -19.28 -13.85
C ALA A 335 9.70 -19.17 -15.35
N LYS A 336 9.11 -18.14 -16.01
CA LYS A 336 9.18 -17.99 -17.46
C LYS A 336 9.98 -16.75 -17.87
N GLY A 337 10.58 -16.03 -16.85
CA GLY A 337 11.24 -14.75 -17.08
C GLY A 337 12.61 -14.79 -17.72
N LYS A 338 13.05 -13.64 -18.22
CA LYS A 338 14.35 -13.51 -18.87
C LYS A 338 15.45 -13.13 -17.89
N TYR A 339 15.07 -12.64 -16.71
CA TYR A 339 16.03 -12.18 -15.71
C TYR A 339 15.75 -12.81 -14.32
N PRO A 340 16.06 -14.11 -14.17
CA PRO A 340 15.71 -14.83 -12.95
C PRO A 340 16.54 -14.41 -11.73
N ASN A 341 17.86 -14.34 -11.90
CA ASN A 341 18.76 -13.90 -10.84
C ASN A 341 18.59 -12.42 -10.53
N GLU A 342 18.36 -11.64 -11.59
CA GLU A 342 18.27 -10.18 -11.48
C GLU A 342 17.04 -9.73 -10.71
N VAL A 343 15.90 -10.35 -10.97
CA VAL A 343 14.64 -9.99 -10.31
C VAL A 343 14.66 -10.30 -8.81
N VAL A 344 15.33 -11.40 -8.45
CA VAL A 344 15.45 -11.81 -7.05
C VAL A 344 16.39 -10.87 -6.31
N GLN A 345 17.50 -10.52 -6.95
CA GLN A 345 18.49 -9.60 -6.39
C GLN A 345 17.89 -8.24 -6.07
N TYR A 346 17.09 -7.72 -7.00
CA TYR A 346 16.50 -6.40 -6.85
C TYR A 346 15.40 -6.40 -5.81
N MET A 347 14.58 -7.44 -5.81
CA MET A 347 13.54 -7.62 -4.79
C MET A 347 14.17 -7.67 -3.40
N ALA A 348 15.26 -8.43 -3.28
CA ALA A 348 16.05 -8.49 -2.04
C ALA A 348 16.52 -7.10 -1.63
N ARG A 349 17.02 -6.34 -2.60
CA ARG A 349 17.50 -4.98 -2.38
C ARG A 349 16.38 -4.03 -1.95
N ILE A 350 15.19 -4.20 -2.55
CA ILE A 350 14.03 -3.37 -2.20
C ILE A 350 13.52 -3.70 -0.79
N CYS A 351 13.48 -4.99 -0.45
CA CYS A 351 13.05 -5.40 0.88
C CYS A 351 13.97 -4.81 1.95
N LEU A 352 15.27 -4.97 1.74
CA LEU A 352 16.30 -4.45 2.65
C LEU A 352 16.21 -2.93 2.82
N GLU A 353 15.91 -2.23 1.73
CA GLU A 353 15.76 -0.78 1.76
C GLU A 353 14.54 -0.36 2.58
N ALA A 354 13.42 -1.03 2.35
CA ALA A 354 12.20 -0.80 3.10
C ALA A 354 12.40 -1.11 4.59
N GLN A 355 13.04 -2.25 4.87
CA GLN A 355 13.35 -2.66 6.23
C GLN A 355 14.19 -1.63 6.98
N SER A 356 15.12 -0.98 6.29
CA SER A 356 15.97 0.05 6.90
C SER A 356 15.19 1.30 7.33
N ALA A 357 14.02 1.50 6.75
CA ALA A 357 13.15 2.62 7.07
C ALA A 357 12.03 2.20 8.04
N LEU A 358 11.73 0.90 8.06
CA LEU A 358 10.67 0.35 8.89
C LEU A 358 11.03 0.45 10.37
N ASN A 359 10.03 0.76 11.20
CA ASN A 359 10.22 0.86 12.64
C ASN A 359 9.63 -0.36 13.36
N GLU A 360 10.47 -1.36 13.60
CA GLU A 360 10.02 -2.63 14.21
C GLU A 360 9.34 -2.44 15.56
N TYR A 361 9.77 -1.41 16.30
CA TYR A 361 9.21 -1.17 17.62
C TYR A 361 7.70 -0.89 17.58
N VAL A 362 7.22 -0.31 16.48
CA VAL A 362 5.79 -0.10 16.26
C VAL A 362 5.05 -1.44 16.22
N PHE A 363 5.65 -2.41 15.53
CA PHE A 363 5.11 -3.77 15.47
C PHE A 363 5.09 -4.42 16.85
N PHE A 364 6.20 -4.30 17.58
CA PHE A 364 6.33 -4.87 18.92
C PHE A 364 5.28 -4.30 19.87
N ASN A 365 5.19 -2.97 19.87
CA ASN A 365 4.31 -2.27 20.79
C ASN A 365 2.83 -2.55 20.53
N SER A 366 2.45 -2.52 19.25
CA SER A 366 1.07 -2.75 18.84
C SER A 366 0.60 -4.15 19.19
N ILE A 367 1.38 -5.14 18.80
CA ILE A 367 1.04 -6.55 19.01
C ILE A 367 0.97 -6.89 20.50
N LYS A 368 1.91 -6.35 21.27
CA LYS A 368 1.95 -6.56 22.72
C LYS A 368 0.77 -5.92 23.44
N LYS A 369 0.38 -4.73 23.02
CA LYS A 369 -0.76 -4.03 23.61
C LYS A 369 -2.09 -4.77 23.39
N LEU A 370 -2.17 -5.55 22.31
CA LEU A 370 -3.39 -6.30 21.99
C LEU A 370 -3.54 -7.61 22.75
N GLN A 371 -2.43 -8.11 23.31
CA GLN A 371 -2.42 -9.39 24.02
C GLN A 371 -3.28 -9.38 25.28
N HIS A 372 -4.15 -10.37 25.41
CA HIS A 372 -5.04 -10.51 26.56
C HIS A 372 -4.26 -10.88 27.83
N ILE A 373 -4.62 -10.23 28.93
CA ILE A 373 -4.02 -10.50 30.24
C ILE A 373 -5.04 -11.23 31.12
N PRO A 374 -4.66 -12.36 31.73
CA PRO A 374 -3.31 -12.96 31.80
C PRO A 374 -2.83 -13.61 30.51
N MET A 375 -1.56 -13.38 30.19
CA MET A 375 -0.87 -14.08 29.09
C MET A 375 -0.52 -15.49 29.54
N SER A 376 -0.43 -16.41 28.59
CA SER A 376 0.14 -17.73 28.86
C SER A 376 1.66 -17.62 28.87
N ALA A 377 2.31 -18.58 29.52
CA ALA A 377 3.77 -18.56 29.71
C ALA A 377 4.56 -18.36 28.41
N ASP A 378 4.26 -19.17 27.38
CA ASP A 378 4.97 -19.08 26.10
C ASP A 378 4.89 -17.69 25.49
N GLU A 379 3.72 -17.07 25.60
CA GLU A 379 3.49 -15.71 25.11
C GLU A 379 4.30 -14.71 25.92
N ALA A 380 4.24 -14.83 27.25
CA ALA A 380 4.97 -13.96 28.16
C ALA A 380 6.48 -13.98 27.96
N VAL A 381 7.04 -15.18 27.82
CA VAL A 381 8.48 -15.37 27.68
C VAL A 381 9.02 -14.74 26.40
N CYS A 382 8.33 -15.00 25.28
CA CYS A 382 8.76 -14.51 23.97
C CYS A 382 8.68 -13.00 23.82
N SER A 383 7.58 -12.41 24.29
CA SER A 383 7.41 -10.96 24.22
C SER A 383 8.39 -10.23 25.12
N SER A 384 8.61 -10.77 26.32
CA SER A 384 9.60 -10.24 27.26
C SER A 384 11.00 -10.36 26.69
N ALA A 385 11.25 -11.48 26.01
CA ALA A 385 12.54 -11.73 25.36
C ALA A 385 12.84 -10.65 24.33
N VAL A 386 11.84 -10.32 23.52
CA VAL A 386 11.98 -9.27 22.51
C VAL A 386 12.04 -7.88 23.16
N ASN A 387 11.31 -7.71 24.26
CA ASN A 387 11.38 -6.49 25.05
C ASN A 387 12.78 -6.24 25.59
N SER A 388 13.42 -7.31 26.07
CA SER A 388 14.78 -7.26 26.58
C SER A 388 15.79 -6.84 25.52
N VAL A 389 15.56 -7.25 24.28
CA VAL A 389 16.36 -6.81 23.14
C VAL A 389 16.36 -5.29 23.05
N TYR A 390 15.18 -4.69 23.07
CA TYR A 390 15.03 -3.23 23.03
C TYR A 390 15.55 -2.58 24.31
N GLU A 391 15.29 -3.24 25.43
CA GLU A 391 15.67 -2.74 26.75
C GLU A 391 17.20 -2.65 26.92
N THR A 392 17.92 -3.62 26.35
CA THR A 392 19.38 -3.70 26.51
C THR A 392 20.18 -3.37 25.25
N LYS A 393 19.48 -3.06 24.16
CA LYS A 393 20.08 -2.83 22.84
C LYS A 393 20.95 -4.04 22.43
N ALA A 394 20.37 -5.23 22.56
CA ALA A 394 21.02 -6.48 22.19
C ALA A 394 21.14 -6.56 20.68
N LYS A 395 22.07 -7.38 20.21
CA LYS A 395 22.39 -7.41 18.78
C LYS A 395 22.00 -8.70 18.06
N ALA A 396 21.52 -9.68 18.81
CA ALA A 396 21.00 -10.94 18.25
C ALA A 396 20.14 -11.69 19.25
N MET A 397 19.28 -12.57 18.75
CA MET A 397 18.53 -13.51 19.60
C MET A 397 18.87 -14.94 19.23
N VAL A 398 18.87 -15.82 20.23
CA VAL A 398 19.01 -17.25 20.00
C VAL A 398 17.79 -17.97 20.58
N VAL A 399 17.01 -18.61 19.71
CA VAL A 399 15.83 -19.35 20.13
C VAL A 399 16.04 -20.83 19.85
N LEU A 400 15.95 -21.64 20.90
CA LEU A 400 15.99 -23.09 20.75
C LEU A 400 14.56 -23.59 20.57
N SER A 401 14.26 -24.06 19.38
CA SER A 401 12.93 -24.55 19.04
C SER A 401 13.03 -25.77 18.15
N ASN A 402 12.33 -26.83 18.54
CA ASN A 402 12.32 -28.06 17.75
C ASN A 402 11.34 -28.01 16.57
N THR A 403 10.11 -27.61 16.84
CA THR A 403 9.05 -27.56 15.82
C THR A 403 9.04 -26.25 15.04
N GLY A 404 9.42 -25.17 15.73
CA GLY A 404 9.46 -23.85 15.13
C GLY A 404 8.52 -22.89 15.81
N ARG A 405 7.65 -23.44 16.66
CA ARG A 405 6.60 -22.69 17.36
C ARG A 405 7.14 -21.42 18.04
N SER A 406 8.09 -21.60 18.96
CA SER A 406 8.62 -20.46 19.71
C SER A 406 9.49 -19.54 18.85
N ALA A 407 10.07 -20.08 17.77
CA ALA A 407 10.81 -19.26 16.81
C ALA A 407 9.86 -18.29 16.11
N ARG A 408 8.71 -18.81 15.67
CA ARG A 408 7.67 -17.99 15.06
C ARG A 408 7.10 -17.00 16.07
N LEU A 409 6.81 -17.49 17.27
CA LEU A 409 6.25 -16.68 18.33
C LEU A 409 7.15 -15.51 18.71
N VAL A 410 8.47 -15.75 18.71
CA VAL A 410 9.43 -14.68 18.94
C VAL A 410 9.42 -13.70 17.76
N ALA A 411 9.48 -14.23 16.54
CA ALA A 411 9.50 -13.41 15.32
C ALA A 411 8.31 -12.47 15.23
N LYS A 412 7.18 -12.92 15.76
CA LYS A 412 5.94 -12.12 15.80
C LYS A 412 6.14 -10.74 16.42
N TYR A 413 6.88 -10.68 17.52
CA TYR A 413 7.05 -9.44 18.28
C TYR A 413 8.10 -8.49 17.67
N ARG A 414 8.74 -8.92 16.59
CA ARG A 414 9.58 -8.06 15.76
C ARG A 414 10.72 -7.36 16.52
N PRO A 415 11.77 -8.11 16.91
CA PRO A 415 12.95 -7.44 17.44
C PRO A 415 13.73 -6.74 16.32
N ASN A 416 14.42 -5.66 16.66
CA ASN A 416 15.24 -4.95 15.67
C ASN A 416 16.64 -5.57 15.54
N CYS A 417 16.67 -6.90 15.55
CA CYS A 417 17.92 -7.66 15.44
C CYS A 417 17.61 -9.05 14.89
N PRO A 418 18.62 -9.73 14.30
CA PRO A 418 18.43 -11.06 13.74
C PRO A 418 18.01 -12.08 14.79
N ILE A 419 17.13 -13.00 14.40
CA ILE A 419 16.79 -14.14 15.23
C ILE A 419 17.50 -15.38 14.69
N VAL A 420 18.23 -16.07 15.56
CA VAL A 420 18.89 -17.31 15.20
C VAL A 420 18.16 -18.45 15.88
N CYS A 421 17.62 -19.37 15.08
CA CYS A 421 16.93 -20.53 15.61
C CYS A 421 17.82 -21.77 15.55
N VAL A 422 18.01 -22.42 16.69
CA VAL A 422 18.74 -23.69 16.76
C VAL A 422 17.73 -24.80 16.94
N THR A 423 17.69 -25.72 15.97
CA THR A 423 16.67 -26.76 15.92
C THR A 423 17.22 -28.15 15.63
N THR A 424 16.56 -29.16 16.18
CA THR A 424 16.97 -30.55 16.03
C THR A 424 16.33 -31.20 14.81
N ARG A 425 15.64 -30.39 14.00
CA ARG A 425 14.90 -30.89 12.84
C ARG A 425 15.18 -30.07 11.58
N LEU A 426 15.46 -30.79 10.49
CA LEU A 426 15.72 -30.18 9.18
C LEU A 426 14.44 -29.63 8.54
N GLN A 427 13.33 -30.32 8.76
CA GLN A 427 12.01 -29.86 8.31
C GLN A 427 11.72 -28.46 8.85
N THR A 428 12.05 -28.27 10.13
CA THR A 428 11.89 -26.99 10.82
C THR A 428 12.77 -25.90 10.22
N CYS A 429 14.03 -26.23 9.95
CA CYS A 429 14.95 -25.30 9.28
C CYS A 429 14.31 -24.78 8.00
N ARG A 430 13.73 -25.70 7.23
CA ARG A 430 13.13 -25.39 5.93
C ARG A 430 11.84 -24.59 6.05
N GLN A 431 10.93 -25.06 6.91
CA GLN A 431 9.62 -24.41 7.08
C GLN A 431 9.69 -22.99 7.64
N LEU A 432 10.74 -22.70 8.39
CA LEU A 432 10.94 -21.35 8.93
C LEU A 432 11.37 -20.35 7.86
N ASN A 433 11.64 -20.85 6.65
CA ASN A 433 12.02 -19.99 5.52
C ASN A 433 10.91 -19.04 5.08
N ILE A 434 9.71 -19.21 5.63
CA ILE A 434 8.60 -18.31 5.34
C ILE A 434 8.25 -17.38 6.51
N THR A 435 9.13 -17.35 7.50
CA THR A 435 8.99 -16.47 8.65
C THR A 435 10.09 -15.43 8.62
N GLN A 436 9.71 -14.15 8.68
CA GLN A 436 10.67 -13.06 8.56
C GLN A 436 11.63 -12.97 9.74
N GLY A 437 12.86 -12.53 9.47
CA GLY A 437 13.85 -12.22 10.50
C GLY A 437 14.46 -13.40 11.24
N VAL A 438 14.22 -14.61 10.74
CA VAL A 438 14.70 -15.83 11.37
C VAL A 438 15.63 -16.58 10.42
N GLU A 439 16.75 -17.06 10.95
CA GLU A 439 17.66 -17.94 10.23
C GLU A 439 17.97 -19.16 11.10
N SER A 440 17.98 -20.34 10.49
CA SER A 440 18.05 -21.59 11.25
C SER A 440 19.39 -22.28 11.18
N VAL A 441 19.81 -22.83 12.31
CA VAL A 441 21.02 -23.65 12.42
C VAL A 441 20.59 -25.04 12.85
N PHE A 442 21.01 -26.05 12.08
CA PHE A 442 20.68 -27.44 12.41
C PHE A 442 21.66 -28.05 13.39
N PHE A 443 21.10 -28.71 14.39
CA PHE A 443 21.86 -29.39 15.43
C PHE A 443 21.47 -30.86 15.42
N ASP A 444 22.40 -31.70 14.97
CA ASP A 444 22.16 -33.14 14.90
C ASP A 444 22.19 -33.77 16.30
N ALA A 445 21.00 -33.93 16.88
CA ALA A 445 20.84 -34.44 18.25
C ALA A 445 21.26 -35.91 18.39
N ASP A 446 20.92 -36.71 17.38
CA ASP A 446 21.26 -38.13 17.39
C ASP A 446 22.76 -38.37 17.17
N LYS A 447 23.46 -37.35 16.71
CA LYS A 447 24.89 -37.41 16.45
C LYS A 447 25.71 -36.73 17.56
N LEU A 448 25.28 -35.55 17.98
CA LEU A 448 26.05 -34.72 18.92
C LEU A 448 25.62 -34.86 20.38
N GLY A 449 24.37 -35.27 20.61
CA GLY A 449 23.86 -35.46 21.97
C GLY A 449 22.50 -34.85 22.22
N HIS A 450 21.86 -35.29 23.30
CA HIS A 450 20.53 -34.77 23.61
CA HIS A 450 20.55 -34.83 23.78
C HIS A 450 20.57 -33.34 24.15
N ASP A 451 21.76 -32.89 24.55
CA ASP A 451 21.99 -31.51 25.00
C ASP A 451 20.92 -31.03 25.98
N GLU A 452 20.69 -31.83 27.01
CA GLU A 452 19.68 -31.56 28.03
C GLU A 452 19.96 -30.27 28.81
N GLY A 453 21.24 -29.94 28.96
CA GLY A 453 21.66 -28.69 29.59
C GLY A 453 21.69 -27.51 28.63
N LYS A 454 21.30 -27.77 27.37
CA LYS A 454 21.18 -26.74 26.32
C LYS A 454 22.48 -26.00 25.94
N GLU A 455 23.58 -26.32 26.62
CA GLU A 455 24.84 -25.56 26.45
C GLU A 455 25.39 -25.55 25.02
N HIS A 456 25.35 -26.72 24.36
CA HIS A 456 25.91 -26.85 23.01
C HIS A 456 25.09 -26.12 21.95
N ARG A 457 23.78 -26.26 22.01
CA ARG A 457 22.88 -25.62 21.06
C ARG A 457 22.97 -24.09 21.15
N VAL A 458 23.01 -23.57 22.37
CA VAL A 458 23.16 -22.13 22.59
C VAL A 458 24.49 -21.66 22.01
N ALA A 459 25.54 -22.46 22.23
CA ALA A 459 26.88 -22.16 21.72
C ALA A 459 26.93 -22.17 20.19
N ALA A 460 26.12 -23.05 19.60
CA ALA A 460 26.05 -23.19 18.14
C ALA A 460 25.40 -21.97 17.49
N GLY A 461 24.35 -21.46 18.13
CA GLY A 461 23.65 -20.27 17.66
C GLY A 461 24.49 -19.03 17.76
N VAL A 462 25.13 -18.84 18.91
CA VAL A 462 26.00 -17.70 19.17
C VAL A 462 27.15 -17.63 18.16
N GLU A 463 27.76 -18.78 17.87
CA GLU A 463 28.81 -18.87 16.85
C GLU A 463 28.33 -18.41 15.47
N PHE A 464 27.13 -18.83 15.08
CA PHE A 464 26.52 -18.44 13.81
C PHE A 464 26.35 -16.93 13.70
N ALA A 465 25.89 -16.33 14.80
CA ALA A 465 25.69 -14.87 14.87
C ALA A 465 27.03 -14.15 14.81
N LYS A 466 28.06 -14.76 15.39
CA LYS A 466 29.42 -14.24 15.31
C LYS A 466 29.99 -14.40 13.91
N SER A 467 29.66 -15.51 13.25
CA SER A 467 30.14 -15.80 11.90
C SER A 467 29.54 -14.84 10.86
N LYS A 468 28.29 -14.45 11.08
CA LYS A 468 27.61 -13.51 10.21
C LYS A 468 27.90 -12.06 10.59
N GLY A 469 28.65 -11.87 11.67
CA GLY A 469 29.07 -10.54 12.11
C GLY A 469 27.99 -9.76 12.83
N TYR A 470 26.99 -10.45 13.37
CA TYR A 470 25.91 -9.81 14.13
C TYR A 470 26.38 -9.39 15.52
N VAL A 471 27.10 -10.28 16.20
CA VAL A 471 27.59 -10.02 17.56
C VAL A 471 29.11 -10.18 17.67
N GLN A 472 29.66 -9.58 18.72
CA GLN A 472 31.08 -9.71 19.05
C GLN A 472 31.25 -9.64 20.56
N THR A 473 32.50 -9.69 21.02
CA THR A 473 32.82 -9.55 22.44
C THR A 473 32.23 -8.25 23.00
N GLY A 474 31.46 -8.38 24.08
CA GLY A 474 30.84 -7.23 24.73
C GLY A 474 29.38 -7.03 24.42
N ASP A 475 28.91 -7.62 23.32
CA ASP A 475 27.51 -7.50 22.91
C ASP A 475 26.60 -8.37 23.77
N TYR A 476 25.36 -7.92 23.92
CA TYR A 476 24.32 -8.72 24.57
C TYR A 476 23.57 -9.54 23.53
N CYS A 477 23.26 -10.78 23.91
CA CYS A 477 22.51 -11.69 23.06
C CYS A 477 21.42 -12.34 23.90
N VAL A 478 20.17 -12.18 23.47
CA VAL A 478 19.03 -12.69 24.24
C VAL A 478 18.71 -14.13 23.84
N VAL A 479 19.01 -15.05 24.75
CA VAL A 479 18.76 -16.47 24.51
C VAL A 479 17.44 -16.89 25.16
N ILE A 480 16.61 -17.59 24.39
CA ILE A 480 15.34 -18.12 24.90
C ILE A 480 15.17 -19.58 24.46
N HIS A 481 14.98 -20.46 25.43
CA HIS A 481 14.89 -21.90 25.17
C HIS A 481 13.84 -22.57 26.06
N ALA A 482 13.84 -23.90 26.06
CA ALA A 482 12.89 -24.70 26.82
C ALA A 482 13.14 -24.64 28.34
N TYR A 489 7.32 -26.60 24.60
CA TYR A 489 7.51 -25.18 24.28
C TYR A 489 8.86 -24.64 24.75
N ALA A 490 8.98 -23.31 24.74
CA ALA A 490 10.15 -22.63 25.28
C ALA A 490 9.74 -21.56 26.30
N ASN A 491 10.21 -21.72 27.54
CA ASN A 491 9.77 -20.88 28.68
C ASN A 491 10.89 -20.33 29.56
N GLN A 492 12.06 -20.10 28.97
CA GLN A 492 13.25 -19.68 29.72
C GLN A 492 14.02 -18.62 28.93
N THR A 493 14.59 -17.65 29.64
CA THR A 493 15.31 -16.54 28.99
C THR A 493 16.60 -16.18 29.72
N ARG A 494 17.66 -15.96 28.95
CA ARG A 494 18.92 -15.43 29.48
C ARG A 494 19.35 -14.25 28.64
N ILE A 495 19.84 -13.20 29.30
CA ILE A 495 20.54 -12.14 28.58
C ILE A 495 22.04 -12.44 28.66
N LEU A 496 22.55 -13.03 27.58
CA LEU A 496 23.91 -13.56 27.56
C LEU A 496 24.92 -12.52 27.09
N LEU A 497 26.06 -12.46 27.77
CA LEU A 497 27.17 -11.60 27.38
C LEU A 497 28.11 -12.37 26.46
N VAL A 498 28.19 -11.94 25.20
CA VAL A 498 28.98 -12.62 24.18
C VAL A 498 30.47 -12.42 24.42
N GLU A 499 31.21 -13.52 24.38
CA GLU A 499 32.67 -13.48 24.55
C GLU A 499 33.38 -13.44 23.20
N MET B 1 -3.76 3.92 19.83
CA MET B 1 -3.59 4.10 18.35
C MET B 1 -2.46 3.24 17.76
N SER B 2 -2.56 3.03 16.44
CA SER B 2 -1.57 2.38 15.58
C SER B 2 -2.35 2.30 14.29
N GLN B 3 -1.67 2.04 13.18
CA GLN B 3 -2.31 1.64 11.94
C GLN B 3 -2.63 0.15 11.99
N LEU B 4 -1.71 -0.62 12.55
CA LEU B 4 -1.85 -2.07 12.70
C LEU B 4 -3.18 -2.45 13.38
N ALA B 5 -3.37 -1.96 14.61
CA ALA B 5 -4.58 -2.28 15.38
C ALA B 5 -5.84 -1.82 14.65
N HIS B 6 -5.73 -0.73 13.91
CA HIS B 6 -6.85 -0.22 13.13
C HIS B 6 -7.19 -1.15 11.96
N ASN B 7 -6.16 -1.69 11.31
CA ASN B 7 -6.33 -2.62 10.20
C ASN B 7 -7.17 -3.84 10.56
N LEU B 8 -7.10 -4.27 11.80
CA LEU B 8 -7.84 -5.45 12.27
C LEU B 8 -9.34 -5.18 12.34
N THR B 9 -9.69 -3.91 12.56
CA THR B 9 -11.09 -3.50 12.78
C THR B 9 -11.85 -3.28 11.48
N LEU B 10 -11.14 -3.38 10.36
CA LEU B 10 -11.68 -2.97 9.05
C LEU B 10 -12.35 -4.08 8.25
N SER B 11 -13.32 -3.66 7.44
CA SER B 11 -13.92 -4.51 6.41
C SER B 11 -14.03 -3.70 5.12
N ILE B 12 -13.65 -4.33 4.00
CA ILE B 12 -13.69 -3.68 2.69
C ILE B 12 -15.11 -3.55 2.12
N PHE B 13 -16.08 -4.16 2.79
CA PHE B 13 -17.48 -4.11 2.37
C PHE B 13 -18.29 -3.05 3.12
N ASP B 14 -17.62 -2.33 4.02
CA ASP B 14 -18.24 -1.21 4.71
C ASP B 14 -18.29 -0.01 3.77
N PRO B 15 -19.29 0.88 3.96
CA PRO B 15 -19.34 2.09 3.13
C PRO B 15 -18.15 3.00 3.39
N VAL B 16 -17.68 3.68 2.33
CA VAL B 16 -16.55 4.59 2.44
C VAL B 16 -16.97 5.90 3.11
N ALA B 17 -15.98 6.65 3.60
CA ALA B 17 -16.20 7.95 4.23
C ALA B 17 -17.11 8.86 3.38
N ASN B 18 -17.92 9.67 4.04
CA ASN B 18 -18.82 10.58 3.31
C ASN B 18 -18.16 11.87 2.83
N TYR B 19 -16.83 11.89 2.85
CA TYR B 19 -16.03 13.01 2.36
C TYR B 19 -14.62 12.55 1.99
N ARG B 20 -14.01 13.21 1.01
CA ARG B 20 -12.65 12.92 0.58
C ARG B 20 -11.70 14.02 1.05
N ALA B 21 -10.67 13.62 1.80
CA ALA B 21 -9.75 14.58 2.42
C ALA B 21 -8.62 14.98 1.49
N ALA B 22 -7.97 14.00 0.88
CA ALA B 22 -6.88 14.24 -0.06
C ALA B 22 -7.37 15.03 -1.25
N ARG B 23 -6.50 15.91 -1.76
CA ARG B 23 -6.85 16.81 -2.86
C ARG B 23 -6.14 16.45 -4.17
N ILE B 24 -6.83 16.67 -5.28
CA ILE B 24 -6.32 16.28 -6.61
C ILE B 24 -5.87 17.49 -7.43
N ILE B 25 -4.62 17.45 -7.88
CA ILE B 25 -4.04 18.48 -8.73
C ILE B 25 -3.97 17.97 -10.17
N CYS B 26 -4.55 18.73 -11.10
CA CYS B 26 -4.56 18.37 -12.52
C CYS B 26 -3.74 19.34 -13.37
N THR B 27 -2.90 18.78 -14.23
CA THR B 27 -2.14 19.58 -15.19
C THR B 27 -3.04 19.86 -16.40
N ILE B 28 -3.11 21.13 -16.79
CA ILE B 28 -3.93 21.54 -17.91
C ILE B 28 -3.12 21.58 -19.21
N GLY B 29 -3.63 20.86 -20.22
CA GLY B 29 -3.02 20.82 -21.54
C GLY B 29 -4.03 20.92 -22.66
N PRO B 30 -3.64 20.53 -23.88
CA PRO B 30 -4.50 20.59 -25.06
C PRO B 30 -5.83 19.84 -24.89
N SER B 31 -5.79 18.65 -24.31
CA SER B 31 -7.00 17.83 -24.14
C SER B 31 -7.92 18.27 -23.00
N THR B 32 -7.54 19.34 -22.28
CA THR B 32 -8.32 19.81 -21.12
C THR B 32 -8.38 21.33 -20.94
N GLN B 33 -8.02 22.09 -21.97
CA GLN B 33 -7.93 23.55 -21.83
C GLN B 33 -9.26 24.29 -21.99
N SER B 34 -10.19 23.69 -22.73
CA SER B 34 -11.51 24.27 -22.95
C SER B 34 -12.35 24.28 -21.67
N VAL B 35 -13.24 25.28 -21.56
CA VAL B 35 -14.08 25.42 -20.37
C VAL B 35 -14.98 24.21 -20.09
N GLU B 36 -15.44 23.53 -21.13
CA GLU B 36 -16.25 22.33 -20.96
C GLU B 36 -15.44 21.13 -20.45
N ALA B 37 -14.18 21.02 -20.87
CA ALA B 37 -13.29 19.96 -20.40
C ALA B 37 -12.85 20.22 -18.97
N LEU B 38 -12.71 21.49 -18.61
CA LEU B 38 -12.36 21.90 -17.25
C LEU B 38 -13.53 21.67 -16.29
N LYS B 39 -14.75 21.91 -16.76
CA LYS B 39 -15.96 21.56 -16.02
C LYS B 39 -16.03 20.06 -15.74
N GLY B 40 -15.57 19.26 -16.72
CA GLY B 40 -15.47 17.82 -16.57
C GLY B 40 -14.48 17.44 -15.49
N LEU B 41 -13.34 18.12 -15.49
CA LEU B 41 -12.30 17.92 -14.47
C LEU B 41 -12.75 18.30 -13.06
N ILE B 42 -13.35 19.48 -12.93
CA ILE B 42 -13.86 19.96 -11.64
C ILE B 42 -14.88 18.98 -11.05
N GLN B 43 -15.85 18.57 -11.87
CA GLN B 43 -16.84 17.57 -11.47
C GLN B 43 -16.20 16.21 -11.20
N SER B 44 -15.11 15.90 -11.90
CA SER B 44 -14.40 14.63 -11.72
C SER B 44 -13.54 14.60 -10.46
N GLY B 45 -13.24 15.80 -9.92
CA GLY B 45 -12.49 15.91 -8.68
C GLY B 45 -11.26 16.81 -8.66
N MET B 46 -11.11 17.67 -9.67
CA MET B 46 -10.00 18.63 -9.68
C MET B 46 -10.18 19.71 -8.62
N SER B 47 -9.16 19.90 -7.81
CA SER B 47 -9.15 20.99 -6.83
C SER B 47 -8.16 22.07 -7.24
N VAL B 48 -7.10 21.67 -7.93
CA VAL B 48 -6.05 22.58 -8.38
C VAL B 48 -5.72 22.33 -9.85
N ALA B 49 -5.73 23.40 -10.63
CA ALA B 49 -5.30 23.35 -12.03
C ALA B 49 -3.85 23.81 -12.13
N ARG B 50 -3.01 22.96 -12.71
CA ARG B 50 -1.57 23.22 -12.85
C ARG B 50 -1.20 23.61 -14.29
N MET B 51 -0.36 24.64 -14.41
CA MET B 51 0.18 25.07 -15.69
C MET B 51 1.66 24.75 -15.76
N ASN B 52 2.04 23.86 -16.67
CA ASN B 52 3.44 23.54 -16.88
C ASN B 52 4.08 24.57 -17.81
N PHE B 53 4.91 25.42 -17.23
CA PHE B 53 5.59 26.49 -17.97
C PHE B 53 6.90 26.05 -18.62
N SER B 54 7.12 24.74 -18.67
CA SER B 54 8.21 24.19 -19.49
C SER B 54 7.80 24.25 -20.97
N HIS B 55 6.51 24.00 -21.22
CA HIS B 55 5.93 24.14 -22.55
C HIS B 55 5.04 25.37 -22.63
N GLY B 56 4.62 25.72 -23.85
CA GLY B 56 3.59 26.73 -24.06
C GLY B 56 4.04 28.17 -23.94
N SER B 57 3.18 29.07 -24.40
CA SER B 57 3.43 30.52 -24.36
C SER B 57 2.55 31.20 -23.32
N HIS B 58 2.91 32.43 -22.97
CA HIS B 58 2.13 33.27 -22.05
C HIS B 58 0.67 33.38 -22.47
N GLU B 59 0.45 33.47 -23.78
CA GLU B 59 -0.91 33.54 -24.33
C GLU B 59 -1.67 32.22 -24.17
N TYR B 60 -0.96 31.10 -24.31
CA TYR B 60 -1.56 29.78 -24.12
C TYR B 60 -1.99 29.59 -22.67
N HIS B 61 -1.14 30.01 -21.74
CA HIS B 61 -1.42 29.88 -20.31
C HIS B 61 -2.43 30.91 -19.84
N GLN B 62 -2.53 32.03 -20.56
CA GLN B 62 -3.57 33.02 -20.32
C GLN B 62 -4.94 32.43 -20.61
N THR B 63 -5.01 31.59 -21.65
CA THR B 63 -6.24 30.87 -21.98
C THR B 63 -6.60 29.91 -20.85
N THR B 64 -5.60 29.17 -20.37
CA THR B 64 -5.77 28.27 -19.23
C THR B 64 -6.35 29.00 -18.03
N ILE B 65 -5.73 30.13 -17.66
CA ILE B 65 -6.20 30.97 -16.55
C ILE B 65 -7.66 31.43 -16.75
N ASN B 66 -7.95 31.99 -17.92
CA ASN B 66 -9.30 32.50 -18.23
C ASN B 66 -10.37 31.43 -18.18
N ASN B 67 -10.09 30.29 -18.81
CA ASN B 67 -11.04 29.20 -18.90
C ASN B 67 -11.31 28.51 -17.56
N VAL B 68 -10.29 28.42 -16.72
CA VAL B 68 -10.43 27.85 -15.37
C VAL B 68 -11.39 28.69 -14.53
N ARG B 69 -11.17 30.00 -14.54
CA ARG B 69 -12.02 30.94 -13.80
C ARG B 69 -13.46 30.93 -14.30
N GLN B 70 -13.62 30.86 -15.61
CA GLN B 70 -14.94 30.75 -16.25
C GLN B 70 -15.64 29.44 -15.87
N ALA B 71 -14.90 28.33 -15.91
CA ALA B 71 -15.44 27.02 -15.57
C ALA B 71 -15.87 26.95 -14.11
N ALA B 72 -15.00 27.45 -13.23
CA ALA B 72 -15.26 27.47 -11.78
C ALA B 72 -16.47 28.33 -11.44
N ALA B 73 -16.60 29.48 -12.11
CA ALA B 73 -17.70 30.41 -11.86
C ALA B 73 -19.05 29.81 -12.25
N GLU B 74 -19.05 29.01 -13.30
CA GLU B 74 -20.27 28.37 -13.81
C GLU B 74 -20.73 27.22 -12.91
N LEU B 75 -19.78 26.57 -12.23
CA LEU B 75 -20.10 25.48 -11.31
C LEU B 75 -20.21 25.96 -9.86
N GLY B 76 -20.04 27.26 -9.66
CA GLY B 76 -20.19 27.90 -8.36
C GLY B 76 -19.17 27.48 -7.31
N VAL B 77 -17.97 27.11 -7.76
CA VAL B 77 -16.90 26.63 -6.88
C VAL B 77 -15.61 27.44 -7.05
N ASN B 78 -14.67 27.25 -6.13
CA ASN B 78 -13.36 27.91 -6.20
C ASN B 78 -12.23 26.93 -6.50
N ILE B 79 -11.53 27.17 -7.59
CA ILE B 79 -10.44 26.32 -8.04
C ILE B 79 -9.12 27.09 -8.00
N ALA B 80 -8.07 26.45 -7.49
CA ALA B 80 -6.73 27.06 -7.44
C ALA B 80 -6.05 26.99 -8.79
N ILE B 81 -5.25 28.01 -9.10
CA ILE B 81 -4.38 28.00 -10.27
C ILE B 81 -2.92 27.99 -9.82
N ALA B 82 -2.16 27.01 -10.34
CA ALA B 82 -0.76 26.82 -9.99
C ALA B 82 0.16 27.05 -11.18
N LEU B 83 1.28 27.74 -10.94
CA LEU B 83 2.28 27.99 -11.97
C LEU B 83 3.55 27.17 -11.68
N ASP B 84 3.75 26.14 -12.48
CA ASP B 84 4.93 25.27 -12.35
C ASP B 84 6.02 25.75 -13.30
N THR B 85 7.08 26.31 -12.73
CA THR B 85 8.17 26.93 -13.49
C THR B 85 8.99 25.90 -14.28
N LYS B 86 9.58 26.36 -15.39
CA LYS B 86 10.47 25.53 -16.20
C LYS B 86 11.73 25.20 -15.40
N GLY B 87 12.32 26.22 -14.79
CA GLY B 87 13.50 26.06 -13.95
C GLY B 87 14.81 26.09 -14.72
N PRO B 88 15.93 26.02 -14.00
CA PRO B 88 17.25 25.94 -14.62
C PRO B 88 17.53 24.54 -15.17
N GLU B 89 18.26 24.46 -16.27
CA GLU B 89 18.62 23.19 -16.90
C GLU B 89 20.05 23.17 -17.43
N VAL B 178 20.64 16.38 -19.18
CA VAL B 178 21.83 16.00 -18.42
C VAL B 178 21.65 16.19 -16.91
N ASN B 179 22.21 15.27 -16.14
CA ASN B 179 22.14 15.31 -14.67
C ASN B 179 23.41 14.77 -14.03
N LEU B 180 23.81 15.38 -12.91
CA LEU B 180 24.96 14.91 -12.14
C LEU B 180 24.51 14.38 -10.76
N PRO B 181 24.74 13.07 -10.51
CA PRO B 181 24.21 12.38 -9.36
C PRO B 181 24.93 12.11 -8.01
N GLY B 182 26.21 12.42 -7.95
CA GLY B 182 26.98 12.66 -6.73
C GLY B 182 27.71 13.99 -6.69
N CYS B 183 27.21 14.94 -7.48
CA CYS B 183 27.77 16.28 -7.54
C CYS B 183 26.72 17.32 -7.17
N ASP B 184 27.15 18.37 -6.49
CA ASP B 184 26.27 19.45 -6.09
C ASP B 184 26.18 20.51 -7.20
N VAL B 185 24.97 20.65 -7.76
CA VAL B 185 24.74 21.58 -8.87
C VAL B 185 24.44 22.97 -8.34
N ASP B 186 25.26 23.95 -8.75
CA ASP B 186 25.10 25.33 -8.32
C ASP B 186 24.60 26.26 -9.43
N LEU B 187 23.64 25.75 -10.22
CA LEU B 187 22.92 26.56 -11.20
C LEU B 187 22.03 27.57 -10.48
N PRO B 188 21.79 28.75 -11.11
CA PRO B 188 20.95 29.78 -10.48
C PRO B 188 19.60 29.23 -10.06
N ALA B 189 19.09 29.71 -8.93
CA ALA B 189 17.81 29.26 -8.37
C ALA B 189 16.68 29.36 -9.39
N VAL B 190 16.53 30.54 -9.97
CA VAL B 190 15.54 30.77 -11.03
C VAL B 190 16.22 31.30 -12.29
N SER B 191 15.74 30.85 -13.45
CA SER B 191 16.28 31.31 -14.73
C SER B 191 15.69 32.67 -15.11
N ALA B 192 16.20 33.25 -16.19
CA ALA B 192 15.69 34.52 -16.71
C ALA B 192 14.24 34.37 -17.17
N LYS B 193 13.94 33.24 -17.82
CA LYS B 193 12.57 32.90 -18.21
C LYS B 193 11.67 32.79 -16.97
N ASP B 194 12.18 32.19 -15.90
CA ASP B 194 11.45 32.04 -14.65
C ASP B 194 11.04 33.41 -14.07
N ARG B 195 11.99 34.33 -13.97
CA ARG B 195 11.75 35.67 -13.44
C ARG B 195 10.67 36.40 -14.22
N VAL B 196 10.64 36.16 -15.54
CA VAL B 196 9.64 36.72 -16.44
C VAL B 196 8.30 36.03 -16.23
N ASP B 197 8.32 34.70 -16.20
CA ASP B 197 7.11 33.90 -16.01
C ASP B 197 6.47 34.15 -14.65
N LEU B 198 7.31 34.33 -13.62
CA LEU B 198 6.84 34.59 -12.26
C LEU B 198 6.17 35.95 -12.14
N GLN B 199 6.65 36.93 -12.90
CA GLN B 199 6.04 38.25 -12.96
C GLN B 199 4.68 38.18 -13.66
N PHE B 200 4.59 37.31 -14.66
CA PHE B 200 3.34 37.04 -15.37
C PHE B 200 2.30 36.45 -14.42
N GLY B 201 2.76 35.52 -13.58
CA GLY B 201 1.91 34.89 -12.57
C GLY B 201 1.31 35.90 -11.60
N VAL B 202 2.15 36.81 -11.12
CA VAL B 202 1.71 37.88 -10.21
C VAL B 202 0.63 38.74 -10.86
N GLU B 203 0.90 39.18 -12.09
CA GLU B 203 -0.03 40.02 -12.84
C GLU B 203 -1.36 39.33 -13.09
N GLN B 204 -1.33 38.02 -13.28
CA GLN B 204 -2.54 37.25 -13.54
C GLN B 204 -3.12 36.63 -12.26
N GLY B 205 -2.55 37.00 -11.11
CA GLY B 205 -3.05 36.59 -9.82
C GLY B 205 -3.16 35.09 -9.63
N VAL B 206 -2.06 34.38 -9.86
CA VAL B 206 -1.99 32.96 -9.54
C VAL B 206 -1.98 32.78 -8.02
N ASP B 207 -2.37 31.60 -7.56
CA ASP B 207 -2.47 31.33 -6.13
C ASP B 207 -1.17 30.79 -5.55
N MET B 208 -0.43 30.03 -6.35
CA MET B 208 0.75 29.31 -5.87
C MET B 208 1.77 29.06 -6.97
N ILE B 209 3.04 28.94 -6.57
CA ILE B 209 4.12 28.61 -7.48
C ILE B 209 4.67 27.23 -7.14
N PHE B 210 4.84 26.39 -8.16
CA PHE B 210 5.62 25.17 -8.00
C PHE B 210 7.02 25.46 -8.52
N ALA B 211 7.89 25.91 -7.61
CA ALA B 211 9.26 26.29 -7.96
C ALA B 211 10.12 25.05 -8.20
N SER B 212 10.56 24.90 -9.44
CA SER B 212 11.30 23.71 -9.86
C SER B 212 12.73 23.66 -9.33
N PHE B 213 13.21 22.44 -9.10
CA PHE B 213 14.63 22.15 -8.85
C PHE B 213 15.24 22.94 -7.69
N ILE B 214 14.55 22.94 -6.55
CA ILE B 214 15.03 23.63 -5.35
C ILE B 214 16.05 22.76 -4.61
N ARG B 215 17.22 23.34 -4.34
CA ARG B 215 18.35 22.61 -3.77
C ARG B 215 18.73 23.10 -2.37
N SER B 216 18.42 24.36 -2.07
CA SER B 216 18.77 24.97 -0.78
C SER B 216 17.73 25.99 -0.31
N ALA B 217 17.93 26.49 0.91
CA ALA B 217 17.00 27.42 1.55
C ALA B 217 17.04 28.83 0.93
N GLU B 218 18.24 29.29 0.56
CA GLU B 218 18.39 30.61 -0.04
C GLU B 218 17.68 30.70 -1.39
N GLN B 219 17.57 29.55 -2.06
CA GLN B 219 16.90 29.47 -3.36
C GLN B 219 15.41 29.78 -3.26
N VAL B 220 14.83 29.61 -2.07
CA VAL B 220 13.44 29.98 -1.80
C VAL B 220 13.32 31.50 -1.76
N GLY B 221 14.30 32.15 -1.13
CA GLY B 221 14.36 33.61 -1.07
C GLY B 221 14.49 34.26 -2.43
N ASP B 222 15.11 33.54 -3.36
CA ASP B 222 15.24 34.00 -4.74
C ASP B 222 13.90 33.99 -5.47
N VAL B 223 13.11 32.95 -5.24
CA VAL B 223 11.75 32.87 -5.78
C VAL B 223 10.88 33.96 -5.17
N ARG B 224 11.10 34.24 -3.89
CA ARG B 224 10.37 35.28 -3.16
C ARG B 224 10.62 36.68 -3.73
N LYS B 225 11.89 37.05 -3.88
CA LYS B 225 12.24 38.36 -4.43
C LYS B 225 11.87 38.51 -5.90
N ALA B 226 11.81 37.39 -6.62
CA ALA B 226 11.41 37.40 -8.03
C ALA B 226 9.90 37.64 -8.17
N LEU B 227 9.14 37.26 -7.15
CA LEU B 227 7.69 37.46 -7.14
C LEU B 227 7.30 38.88 -6.70
N GLY B 228 8.28 39.63 -6.19
CA GLY B 228 8.07 41.02 -5.78
C GLY B 228 7.19 41.18 -4.54
N PRO B 229 6.86 42.44 -4.21
CA PRO B 229 5.97 42.74 -3.06
C PRO B 229 4.49 42.51 -3.37
N LYS B 230 4.12 42.69 -4.64
CA LYS B 230 2.73 42.53 -5.08
C LYS B 230 2.24 41.08 -5.06
N GLY B 231 3.19 40.14 -5.01
CA GLY B 231 2.87 38.72 -4.94
C GLY B 231 3.33 38.05 -3.66
N ARG B 232 3.35 38.81 -2.57
CA ARG B 232 3.85 38.31 -1.28
C ARG B 232 2.89 37.35 -0.59
N ASP B 233 1.65 37.30 -1.07
CA ASP B 233 0.64 36.37 -0.56
C ASP B 233 0.54 35.08 -1.39
N ILE B 234 1.38 34.97 -2.42
CA ILE B 234 1.42 33.77 -3.26
C ILE B 234 2.27 32.71 -2.59
N MET B 235 1.73 31.49 -2.49
CA MET B 235 2.42 30.37 -1.85
C MET B 235 3.55 29.86 -2.73
N ILE B 236 4.71 29.63 -2.12
CA ILE B 236 5.85 29.03 -2.81
C ILE B 236 5.99 27.57 -2.39
N ILE B 237 5.64 26.67 -3.30
CA ILE B 237 5.74 25.23 -3.06
C ILE B 237 6.97 24.70 -3.78
N CYS B 238 7.86 24.06 -3.04
CA CYS B 238 9.15 23.66 -3.59
C CYS B 238 9.16 22.25 -4.16
N LYS B 239 9.71 22.12 -5.36
CA LYS B 239 9.85 20.83 -6.01
C LYS B 239 11.20 20.22 -5.67
N ILE B 240 11.18 19.08 -4.99
CA ILE B 240 12.41 18.36 -4.63
C ILE B 240 12.74 17.34 -5.71
N GLU B 241 13.80 17.63 -6.48
CA GLU B 241 14.13 16.89 -7.69
C GLU B 241 15.46 16.14 -7.65
N ASN B 242 16.35 16.54 -6.75
CA ASN B 242 17.65 15.87 -6.59
C ASN B 242 18.03 15.64 -5.13
N HIS B 243 19.19 15.04 -4.90
CA HIS B 243 19.69 14.74 -3.56
C HIS B 243 19.85 15.98 -2.69
N GLN B 244 20.24 17.09 -3.31
CA GLN B 244 20.45 18.37 -2.61
C GLN B 244 19.17 18.86 -1.94
N GLY B 245 18.05 18.71 -2.64
CA GLY B 245 16.75 19.05 -2.10
C GLY B 245 16.38 18.18 -0.92
N VAL B 246 16.80 16.92 -0.95
CA VAL B 246 16.52 15.96 0.12
C VAL B 246 17.43 16.24 1.32
N GLN B 247 18.72 16.43 1.06
CA GLN B 247 19.71 16.65 2.12
C GLN B 247 19.43 17.92 2.92
N ASN B 248 19.00 18.98 2.24
CA ASN B 248 18.68 20.26 2.88
C ASN B 248 17.20 20.44 3.17
N ILE B 249 16.44 19.35 3.20
CA ILE B 249 14.98 19.39 3.28
C ILE B 249 14.44 20.22 4.46
N ASP B 250 15.07 20.11 5.62
CA ASP B 250 14.63 20.82 6.82
C ASP B 250 14.65 22.34 6.68
N SER B 251 15.74 22.87 6.11
CA SER B 251 15.83 24.31 5.86
C SER B 251 14.93 24.76 4.71
N ILE B 252 14.70 23.89 3.73
CA ILE B 252 13.80 24.18 2.61
C ILE B 252 12.34 24.26 3.06
N ILE B 253 11.91 23.28 3.87
CA ILE B 253 10.55 23.26 4.42
C ILE B 253 10.23 24.52 5.24
N GLU B 254 11.20 24.95 6.05
N GLU B 254 11.18 24.96 6.06
CA GLU B 254 11.06 26.12 6.92
CA GLU B 254 10.99 26.13 6.92
C GLU B 254 10.83 27.41 6.14
C GLU B 254 10.80 27.42 6.12
N GLU B 255 11.49 27.54 4.99
CA GLU B 255 11.41 28.73 4.14
C GLU B 255 10.21 28.71 3.20
N SER B 256 9.87 27.52 2.70
CA SER B 256 8.77 27.36 1.74
C SER B 256 7.40 27.42 2.39
N ASP B 257 6.35 27.29 1.57
CA ASP B 257 4.98 27.19 2.04
C ASP B 257 4.45 25.79 1.79
N GLY B 258 5.36 24.87 1.45
CA GLY B 258 5.00 23.50 1.12
C GLY B 258 6.01 22.82 0.20
N ILE B 259 5.80 21.54 -0.06
CA ILE B 259 6.77 20.71 -0.78
C ILE B 259 6.09 19.80 -1.80
N MET B 260 6.73 19.66 -2.97
CA MET B 260 6.31 18.68 -3.96
C MET B 260 7.36 17.56 -4.08
N VAL B 261 6.89 16.33 -3.97
CA VAL B 261 7.78 15.16 -4.10
C VAL B 261 7.72 14.63 -5.53
N ALA B 262 8.68 15.03 -6.34
CA ALA B 262 8.74 14.62 -7.74
C ALA B 262 9.53 13.32 -7.90
N ARG B 263 8.85 12.19 -7.72
CA ARG B 263 9.50 10.87 -7.75
C ARG B 263 10.39 10.65 -8.96
N GLY B 264 9.83 10.86 -10.15
CA GLY B 264 10.54 10.62 -11.42
C GLY B 264 11.85 11.37 -11.52
N ASP B 265 11.82 12.65 -11.18
CA ASP B 265 13.00 13.51 -11.22
C ASP B 265 14.05 13.05 -10.22
N LEU B 266 13.60 12.60 -9.04
CA LEU B 266 14.47 12.01 -8.03
C LEU B 266 15.07 10.69 -8.51
N GLY B 267 14.27 9.93 -9.27
CA GLY B 267 14.67 8.62 -9.77
C GLY B 267 15.86 8.58 -10.73
N VAL B 268 16.16 9.73 -11.33
CA VAL B 268 17.23 9.82 -12.33
C VAL B 268 18.60 9.54 -11.71
N GLU B 269 18.82 10.06 -10.51
CA GLU B 269 20.11 9.97 -9.83
C GLU B 269 20.06 9.15 -8.53
N ILE B 270 18.85 8.92 -8.03
CA ILE B 270 18.63 8.19 -6.79
C ILE B 270 17.81 6.94 -7.10
N PRO B 271 18.27 5.75 -6.64
CA PRO B 271 17.56 4.49 -6.90
C PRO B 271 16.10 4.53 -6.47
N ALA B 272 15.24 3.86 -7.24
CA ALA B 272 13.79 3.87 -7.04
C ALA B 272 13.34 3.49 -5.64
N GLU B 273 14.03 2.51 -5.04
CA GLU B 273 13.73 2.06 -3.68
C GLU B 273 13.98 3.15 -2.63
N LYS B 274 15.06 3.90 -2.81
CA LYS B 274 15.40 5.00 -1.91
C LYS B 274 14.47 6.21 -2.08
N VAL B 275 13.88 6.35 -3.27
CA VAL B 275 12.91 7.42 -3.54
C VAL B 275 11.60 7.16 -2.80
N VAL B 276 11.21 5.89 -2.71
CA VAL B 276 10.01 5.47 -1.97
C VAL B 276 10.15 5.89 -0.49
N VAL B 277 11.36 5.71 0.05
CA VAL B 277 11.67 6.07 1.43
C VAL B 277 11.72 7.58 1.59
N ALA B 278 12.42 8.25 0.67
CA ALA B 278 12.50 9.71 0.66
C ALA B 278 11.09 10.31 0.66
N GLN B 279 10.19 9.71 -0.10
CA GLN B 279 8.79 10.10 -0.11
C GLN B 279 8.18 10.10 1.30
N LYS B 280 8.41 9.02 2.05
CA LYS B 280 7.91 8.93 3.44
C LYS B 280 8.51 10.04 4.28
N ILE B 281 9.84 10.14 4.27
CA ILE B 281 10.57 11.15 5.04
C ILE B 281 10.00 12.54 4.77
N LEU B 282 9.96 12.90 3.49
CA LEU B 282 9.49 14.21 3.05
C LEU B 282 8.03 14.49 3.42
N ILE B 283 7.15 13.50 3.23
CA ILE B 283 5.74 13.65 3.56
C ILE B 283 5.52 13.78 5.08
N SER B 284 6.17 12.92 5.86
CA SER B 284 6.07 12.97 7.31
C SER B 284 6.59 14.28 7.90
N LYS B 285 7.72 14.77 7.38
CA LYS B 285 8.31 16.04 7.81
C LYS B 285 7.36 17.21 7.56
N CYS B 286 6.68 17.17 6.41
CA CYS B 286 5.73 18.22 6.03
C CYS B 286 4.49 18.22 6.92
N ASN B 287 4.06 17.03 7.33
CA ASN B 287 2.92 16.89 8.25
C ASN B 287 3.23 17.50 9.61
N VAL B 288 4.44 17.24 10.11
CA VAL B 288 4.88 17.79 11.40
C VAL B 288 5.03 19.31 11.32
N ALA B 289 5.59 19.79 10.21
CA ALA B 289 5.74 21.23 9.99
C ALA B 289 4.39 21.90 9.70
N GLY B 290 3.36 21.10 9.45
CA GLY B 290 2.03 21.61 9.14
C GLY B 290 1.99 22.35 7.82
N LYS B 291 2.74 21.84 6.83
CA LYS B 291 2.79 22.45 5.51
C LYS B 291 2.38 21.44 4.43
N PRO B 292 1.59 21.89 3.42
CA PRO B 292 1.08 21.02 2.36
C PRO B 292 2.17 20.20 1.67
N VAL B 293 1.88 18.93 1.41
CA VAL B 293 2.81 18.10 0.66
C VAL B 293 2.12 17.40 -0.52
N ILE B 294 2.74 17.52 -1.69
CA ILE B 294 2.20 16.99 -2.93
C ILE B 294 3.00 15.77 -3.39
N CYS B 295 2.30 14.67 -3.62
CA CYS B 295 2.90 13.49 -4.23
C CYS B 295 2.71 13.56 -5.75
N ALA B 296 3.81 13.80 -6.47
CA ALA B 296 3.75 14.09 -7.91
C ALA B 296 4.66 13.21 -8.77
N THR B 297 4.37 13.21 -10.08
CA THR B 297 5.06 12.41 -11.12
C THR B 297 4.82 10.91 -11.02
N GLN B 298 4.56 10.29 -12.16
CA GLN B 298 4.36 8.84 -12.30
C GLN B 298 3.29 8.31 -11.36
N MET B 299 2.14 8.99 -11.31
CA MET B 299 1.05 8.58 -10.43
C MET B 299 0.16 7.54 -11.09
N LEU B 300 -0.45 7.87 -12.22
CA LEU B 300 -1.27 6.92 -12.98
C LEU B 300 -0.96 6.98 -14.47
N GLU B 301 0.34 6.88 -14.78
CA GLU B 301 0.88 7.17 -16.12
C GLU B 301 0.36 6.24 -17.22
N SER B 302 0.05 5.00 -16.86
CA SER B 302 -0.53 4.05 -17.80
C SER B 302 -1.88 4.51 -18.33
N MET B 303 -2.62 5.25 -17.51
CA MET B 303 -3.96 5.70 -17.85
C MET B 303 -4.01 6.88 -18.83
N THR B 304 -2.82 7.34 -19.25
CA THR B 304 -2.70 8.39 -20.27
C THR B 304 -3.28 7.91 -21.61
N TYR B 305 -3.03 6.65 -21.96
N TYR B 305 -3.04 6.65 -21.95
CA TYR B 305 -3.53 6.08 -23.21
CA TYR B 305 -3.51 6.06 -23.20
C TYR B 305 -4.27 4.75 -23.03
C TYR B 305 -4.34 4.80 -23.01
N ASN B 306 -4.42 4.31 -21.77
CA ASN B 306 -5.19 3.10 -21.45
C ASN B 306 -6.39 3.41 -20.58
N PRO B 307 -7.52 2.69 -20.77
CA PRO B 307 -8.75 2.97 -20.02
C PRO B 307 -8.64 2.69 -18.51
N ARG B 308 -7.68 1.84 -18.12
CA ARG B 308 -7.44 1.52 -16.72
C ARG B 308 -5.94 1.49 -16.41
N PRO B 309 -5.56 1.79 -15.15
CA PRO B 309 -4.14 1.73 -14.78
C PRO B 309 -3.70 0.32 -14.40
N THR B 310 -2.40 0.14 -14.18
CA THR B 310 -1.90 -1.12 -13.67
C THR B 310 -2.19 -1.17 -12.17
N ARG B 311 -2.29 -2.39 -11.64
CA ARG B 311 -2.60 -2.60 -10.23
C ARG B 311 -1.56 -1.93 -9.33
N ALA B 312 -0.29 -2.00 -9.73
CA ALA B 312 0.80 -1.37 -8.98
C ALA B 312 0.67 0.14 -8.90
N GLU B 313 0.13 0.75 -9.96
CA GLU B 313 -0.10 2.20 -9.98
C GLU B 313 -1.17 2.60 -8.98
N VAL B 314 -2.23 1.79 -8.89
CA VAL B 314 -3.30 2.01 -7.92
C VAL B 314 -2.72 2.07 -6.51
N SER B 315 -1.95 1.03 -6.16
CA SER B 315 -1.35 0.91 -4.83
C SER B 315 -0.47 2.10 -4.51
N ASP B 316 0.26 2.58 -5.52
CA ASP B 316 1.13 3.74 -5.39
C ASP B 316 0.37 4.98 -4.93
N VAL B 317 -0.80 5.19 -5.51
CA VAL B 317 -1.69 6.31 -5.14
C VAL B 317 -2.21 6.14 -3.71
N ALA B 318 -2.73 4.94 -3.41
CA ALA B 318 -3.25 4.63 -2.07
C ALA B 318 -2.18 4.82 -1.00
N ASN B 319 -0.99 4.30 -1.27
CA ASN B 319 0.13 4.40 -0.34
C ASN B 319 0.66 5.83 -0.20
N ALA B 320 0.45 6.64 -1.24
CA ALA B 320 0.72 8.07 -1.16
C ALA B 320 -0.19 8.72 -0.12
N VAL B 321 -1.46 8.35 -0.15
CA VAL B 321 -2.44 8.80 0.85
C VAL B 321 -2.06 8.30 2.23
N PHE B 322 -1.70 7.02 2.34
CA PHE B 322 -1.31 6.41 3.62
C PHE B 322 -0.04 7.02 4.22
N ASN B 323 0.88 7.43 3.35
CA ASN B 323 2.10 8.12 3.76
C ASN B 323 1.79 9.43 4.49
N GLY B 324 0.72 10.11 4.05
CA GLY B 324 0.26 11.34 4.67
C GLY B 324 0.25 12.51 3.71
N ALA B 325 0.12 12.21 2.42
CA ALA B 325 0.06 13.25 1.40
C ALA B 325 -1.20 14.10 1.49
N ASP B 326 -1.03 15.41 1.43
CA ASP B 326 -2.14 16.35 1.29
C ASP B 326 -2.77 16.19 -0.10
N CYS B 327 -1.91 16.14 -1.12
CA CYS B 327 -2.33 16.16 -2.51
C CYS B 327 -1.72 15.05 -3.34
N VAL B 328 -2.40 14.73 -4.44
CA VAL B 328 -1.89 13.81 -5.45
C VAL B 328 -1.98 14.50 -6.80
N MET B 329 -0.96 14.33 -7.65
CA MET B 329 -0.89 15.10 -8.89
C MET B 329 -0.99 14.25 -10.15
N LEU B 330 -1.68 14.79 -11.16
CA LEU B 330 -1.72 14.19 -12.47
C LEU B 330 -1.05 15.11 -13.48
N SER B 331 -0.07 14.56 -14.20
CA SER B 331 0.68 15.34 -15.20
C SER B 331 0.13 15.11 -16.60
N GLY B 332 0.72 14.15 -17.32
CA GLY B 332 0.33 13.87 -18.71
C GLY B 332 -1.04 13.24 -18.90
N GLU B 333 -1.57 12.67 -17.82
CA GLU B 333 -2.84 11.93 -17.86
C GLU B 333 -4.04 12.84 -18.12
N THR B 334 -3.91 14.11 -17.72
CA THR B 334 -4.98 15.08 -17.91
C THR B 334 -4.59 16.12 -18.96
N ALA B 335 -3.30 16.38 -19.09
CA ALA B 335 -2.80 17.39 -20.02
C ALA B 335 -2.84 16.92 -21.48
N LYS B 336 -2.28 15.71 -21.74
CA LYS B 336 -2.19 15.16 -23.09
C LYS B 336 -2.95 13.83 -23.20
N GLY B 337 -3.59 13.41 -22.04
CA GLY B 337 -4.23 12.10 -21.94
C GLY B 337 -5.49 11.92 -22.75
N LYS B 338 -5.91 10.66 -22.89
CA LYS B 338 -7.09 10.28 -23.65
C LYS B 338 -8.33 10.15 -22.76
N TYR B 339 -8.12 9.96 -21.46
CA TYR B 339 -9.21 9.79 -20.50
C TYR B 339 -9.13 10.79 -19.34
N PRO B 340 -9.14 12.10 -19.65
CA PRO B 340 -8.93 13.11 -18.61
C PRO B 340 -9.89 13.01 -17.42
N ASN B 341 -11.16 12.73 -17.68
CA ASN B 341 -12.15 12.63 -16.61
C ASN B 341 -12.04 11.32 -15.81
N GLU B 342 -11.91 10.20 -16.52
CA GLU B 342 -11.88 8.88 -15.90
C GLU B 342 -10.72 8.71 -14.93
N VAL B 343 -9.54 9.20 -15.31
CA VAL B 343 -8.36 9.14 -14.45
C VAL B 343 -8.57 9.95 -13.15
N VAL B 344 -9.14 11.15 -13.27
CA VAL B 344 -9.42 12.01 -12.11
C VAL B 344 -10.48 11.35 -11.20
N GLN B 345 -11.51 10.78 -11.82
CA GLN B 345 -12.55 10.06 -11.09
C GLN B 345 -11.98 8.86 -10.35
N TYR B 346 -11.02 8.17 -10.99
CA TYR B 346 -10.41 6.99 -10.39
C TYR B 346 -9.44 7.34 -9.27
N MET B 347 -8.66 8.40 -9.47
CA MET B 347 -7.77 8.89 -8.43
C MET B 347 -8.56 9.30 -7.19
N ALA B 348 -9.73 9.91 -7.41
CA ALA B 348 -10.64 10.28 -6.33
C ALA B 348 -11.13 9.05 -5.58
N ARG B 349 -11.51 8.02 -6.34
CA ARG B 349 -12.00 6.76 -5.79
C ARG B 349 -10.95 6.06 -4.93
N ILE B 350 -9.70 6.06 -5.41
CA ILE B 350 -8.61 5.39 -4.69
C ILE B 350 -8.29 6.13 -3.39
N CYS B 351 -8.23 7.45 -3.46
CA CYS B 351 -7.95 8.29 -2.29
C CYS B 351 -8.97 8.08 -1.16
N LEU B 352 -10.24 8.00 -1.54
CA LEU B 352 -11.34 7.80 -0.61
C LEU B 352 -11.29 6.41 0.04
N GLU B 353 -10.97 5.41 -0.77
CA GLU B 353 -10.80 4.03 -0.31
C GLU B 353 -9.62 3.91 0.66
N ALA B 354 -8.49 4.53 0.30
CA ALA B 354 -7.33 4.58 1.18
C ALA B 354 -7.63 5.32 2.48
N GLN B 355 -8.29 6.47 2.37
CA GLN B 355 -8.72 7.26 3.52
C GLN B 355 -9.62 6.48 4.47
N SER B 356 -10.51 5.66 3.91
CA SER B 356 -11.40 4.82 4.72
C SER B 356 -10.62 3.85 5.60
N ALA B 357 -9.41 3.49 5.18
CA ALA B 357 -8.54 2.58 5.93
C ALA B 357 -7.62 3.33 6.87
N LEU B 358 -7.28 4.57 6.49
CA LEU B 358 -6.31 5.39 7.21
C LEU B 358 -6.76 5.73 8.63
N ASN B 359 -5.86 5.58 9.59
CA ASN B 359 -6.15 5.94 10.97
C ASN B 359 -5.67 7.36 11.26
N GLU B 360 -6.61 8.31 11.20
CA GLU B 360 -6.29 9.73 11.42
C GLU B 360 -5.69 9.98 12.80
N TYR B 361 -6.10 9.18 13.78
CA TYR B 361 -5.67 9.36 15.16
C TYR B 361 -4.16 9.15 15.35
N VAL B 362 -3.56 8.30 14.52
CA VAL B 362 -2.11 8.09 14.56
C VAL B 362 -1.38 9.39 14.23
N PHE B 363 -1.87 10.08 13.19
CA PHE B 363 -1.34 11.38 12.80
C PHE B 363 -1.52 12.38 13.92
N PHE B 364 -2.71 12.42 14.50
CA PHE B 364 -3.01 13.33 15.60
C PHE B 364 -2.10 13.10 16.80
N ASN B 365 -1.98 11.85 17.23
CA ASN B 365 -1.21 11.49 18.42
C ASN B 365 0.30 11.67 18.24
N SER B 366 0.81 11.25 17.10
CA SER B 366 2.23 11.40 16.76
C SER B 366 2.64 12.87 16.74
N ILE B 367 1.89 13.67 15.98
CA ILE B 367 2.18 15.09 15.81
C ILE B 367 1.99 15.87 17.12
N LYS B 368 1.01 15.46 17.93
CA LYS B 368 0.83 16.01 19.27
C LYS B 368 2.05 15.74 20.15
N LYS B 369 2.49 14.48 20.18
CA LYS B 369 3.59 14.05 21.06
C LYS B 369 4.95 14.68 20.75
N LEU B 370 5.08 15.27 19.57
CA LEU B 370 6.34 15.90 19.17
C LEU B 370 6.39 17.38 19.54
N GLN B 371 5.30 17.89 20.11
CA GLN B 371 5.20 19.32 20.41
C GLN B 371 5.89 19.68 21.72
N HIS B 372 6.73 20.71 21.66
CA HIS B 372 7.46 21.21 22.83
CA HIS B 372 7.45 21.21 22.83
C HIS B 372 6.49 21.84 23.83
N ILE B 373 6.63 21.44 25.10
CA ILE B 373 5.83 22.02 26.18
C ILE B 373 6.75 22.96 26.98
N PRO B 374 6.33 24.23 27.18
CA PRO B 374 5.02 24.81 26.90
C PRO B 374 4.72 25.05 25.42
N MET B 375 3.44 24.99 25.07
CA MET B 375 2.97 25.31 23.73
C MET B 375 2.60 26.78 23.62
N SER B 376 2.47 27.27 22.40
CA SER B 376 1.88 28.57 22.14
C SER B 376 0.36 28.42 22.07
N ALA B 377 -0.36 29.45 22.50
CA ALA B 377 -1.82 29.43 22.59
C ALA B 377 -2.51 28.90 21.33
N ASP B 378 -2.14 29.44 20.17
CA ASP B 378 -2.74 29.04 18.90
C ASP B 378 -2.51 27.56 18.59
N GLU B 379 -1.30 27.07 18.87
CA GLU B 379 -0.95 25.67 18.67
C GLU B 379 -1.78 24.80 19.61
N ALA B 380 -1.83 25.19 20.89
CA ALA B 380 -2.59 24.48 21.91
C ALA B 380 -4.10 24.47 21.61
N VAL B 381 -4.60 25.61 21.11
CA VAL B 381 -6.00 25.75 20.75
C VAL B 381 -6.39 24.78 19.63
N CYS B 382 -5.58 24.74 18.57
CA CYS B 382 -5.85 23.88 17.43
C CYS B 382 -5.77 22.39 17.76
N SER B 383 -4.75 22.00 18.53
CA SER B 383 -4.57 20.61 18.90
C SER B 383 -5.67 20.13 19.85
N SER B 384 -6.09 21.01 20.77
CA SER B 384 -7.19 20.73 21.68
C SER B 384 -8.51 20.58 20.93
N ALA B 385 -8.70 21.40 19.91
CA ALA B 385 -9.92 21.38 19.11
C ALA B 385 -10.11 20.02 18.45
N VAL B 386 -9.03 19.50 17.86
CA VAL B 386 -9.04 18.18 17.22
C VAL B 386 -9.21 17.08 18.26
N ASN B 387 -8.55 17.23 19.40
CA ASN B 387 -8.73 16.31 20.53
C ASN B 387 -10.19 16.26 20.97
N SER B 388 -10.85 17.42 20.99
CA SER B 388 -12.26 17.53 21.34
C SER B 388 -13.18 16.82 20.33
N VAL B 389 -12.74 16.73 19.09
CA VAL B 389 -13.45 15.97 18.06
C VAL B 389 -13.45 14.49 18.39
N TYR B 390 -12.27 13.97 18.75
CA TYR B 390 -12.11 12.55 19.05
C TYR B 390 -12.82 12.14 20.34
N GLU B 391 -12.83 13.04 21.32
CA GLU B 391 -13.41 12.77 22.63
C GLU B 391 -14.93 12.84 22.65
N THR B 392 -15.51 13.72 21.83
CA THR B 392 -16.96 13.91 21.79
C THR B 392 -17.59 13.28 20.55
N LYS B 393 -16.75 12.72 19.68
CA LYS B 393 -17.17 12.21 18.38
C LYS B 393 -18.00 13.26 17.62
N ALA B 394 -17.40 14.43 17.46
CA ALA B 394 -17.97 15.51 16.66
C ALA B 394 -17.88 15.12 15.20
N LYS B 395 -18.91 15.48 14.42
CA LYS B 395 -19.00 15.05 13.03
C LYS B 395 -18.47 16.10 12.06
N ALA B 396 -18.25 17.33 12.56
CA ALA B 396 -17.67 18.40 11.75
C ALA B 396 -16.88 19.42 12.58
N MET B 397 -16.00 20.15 11.92
CA MET B 397 -15.29 21.29 12.51
C MET B 397 -15.58 22.54 11.71
N VAL B 398 -15.66 23.68 12.38
CA VAL B 398 -15.80 24.97 11.72
C VAL B 398 -14.66 25.89 12.17
N VAL B 399 -13.83 26.29 11.22
CA VAL B 399 -12.68 27.16 11.50
C VAL B 399 -12.83 28.51 10.81
N LEU B 400 -12.83 29.58 11.59
CA LEU B 400 -12.83 30.93 11.06
C LEU B 400 -11.40 31.41 10.88
N SER B 401 -11.01 31.66 9.63
CA SER B 401 -9.64 32.01 9.29
C SER B 401 -9.57 32.82 8.00
N ASN B 402 -9.16 34.08 8.12
CA ASN B 402 -9.02 34.94 6.95
C ASN B 402 -7.88 34.47 6.03
N THR B 403 -6.70 34.27 6.61
CA THR B 403 -5.52 33.86 5.85
C THR B 403 -5.52 32.37 5.52
N GLY B 404 -6.17 31.57 6.37
CA GLY B 404 -6.16 30.12 6.22
C GLY B 404 -5.09 29.44 7.05
N ARG B 405 -4.35 30.24 7.81
CA ARG B 405 -3.26 29.76 8.66
C ARG B 405 -3.77 28.76 9.71
N SER B 406 -4.82 29.13 10.43
CA SER B 406 -5.41 28.25 11.43
C SER B 406 -6.20 27.11 10.81
N ALA B 407 -6.70 27.30 9.59
CA ALA B 407 -7.35 26.22 8.85
C ALA B 407 -6.33 25.11 8.55
N ARG B 408 -5.12 25.53 8.17
CA ARG B 408 -4.02 24.60 7.91
C ARG B 408 -3.51 23.99 9.20
N LEU B 409 -3.48 24.79 10.26
CA LEU B 409 -2.99 24.36 11.56
C LEU B 409 -3.92 23.33 12.20
N VAL B 410 -5.21 23.42 11.92
CA VAL B 410 -6.18 22.44 12.38
C VAL B 410 -6.03 21.13 11.60
N ALA B 411 -5.96 21.23 10.27
CA ALA B 411 -5.82 20.06 9.39
C ALA B 411 -4.54 19.28 9.69
N LYS B 412 -3.53 20.01 10.16
CA LYS B 412 -2.27 19.44 10.62
C LYS B 412 -2.51 18.30 11.61
N TYR B 413 -3.46 18.50 12.52
CA TYR B 413 -3.73 17.53 13.58
C TYR B 413 -4.71 16.43 13.20
N ARG B 414 -5.14 16.42 11.94
CA ARG B 414 -5.89 15.31 11.34
C ARG B 414 -7.07 14.79 12.16
N PRO B 415 -8.17 15.57 12.22
CA PRO B 415 -9.39 15.03 12.82
C PRO B 415 -10.01 13.98 11.90
N ASN B 416 -10.80 13.07 12.47
CA ASN B 416 -11.47 12.07 11.66
C ASN B 416 -12.85 12.56 11.19
N CYS B 417 -12.94 13.86 10.94
CA CYS B 417 -14.16 14.48 10.43
C CYS B 417 -13.80 15.61 9.45
N PRO B 418 -14.79 16.10 8.65
CA PRO B 418 -14.51 17.22 7.77
C PRO B 418 -14.18 18.50 8.53
N ILE B 419 -13.32 19.32 7.93
CA ILE B 419 -13.07 20.68 8.42
C ILE B 419 -13.73 21.64 7.44
N VAL B 420 -14.44 22.62 7.99
CA VAL B 420 -15.07 23.66 7.18
C VAL B 420 -14.44 25.00 7.55
N CYS B 421 -13.77 25.62 6.59
CA CYS B 421 -13.17 26.93 6.80
C CYS B 421 -14.09 28.04 6.30
N VAL B 422 -14.43 28.97 7.19
CA VAL B 422 -15.20 30.15 6.82
C VAL B 422 -14.25 31.34 6.71
N THR B 423 -14.09 31.84 5.49
CA THR B 423 -13.11 32.87 5.19
C THR B 423 -13.69 34.04 4.41
N THR B 424 -13.19 35.24 4.69
CA THR B 424 -13.64 36.46 4.01
C THR B 424 -12.84 36.72 2.73
N ARG B 425 -11.82 35.90 2.50
CA ARG B 425 -10.95 36.07 1.33
C ARG B 425 -11.14 34.91 0.35
N LEU B 426 -11.34 35.25 -0.93
CA LEU B 426 -11.53 34.25 -1.98
C LEU B 426 -10.22 33.55 -2.36
N GLN B 427 -9.10 34.23 -2.20
CA GLN B 427 -7.80 33.64 -2.48
C GLN B 427 -7.47 32.50 -1.51
N THR B 428 -7.95 32.62 -0.27
CA THR B 428 -7.81 31.59 0.76
C THR B 428 -8.60 30.33 0.39
N CYS B 429 -9.84 30.51 -0.06
CA CYS B 429 -10.66 29.42 -0.57
C CYS B 429 -9.89 28.60 -1.60
N ARG B 430 -9.23 29.30 -2.52
CA ARG B 430 -8.42 28.67 -3.56
C ARG B 430 -7.14 28.06 -2.99
N GLN B 431 -6.44 28.81 -2.15
CA GLN B 431 -5.16 28.35 -1.58
C GLN B 431 -5.30 27.14 -0.64
N LEU B 432 -6.47 27.00 -0.02
CA LEU B 432 -6.72 25.84 0.85
C LEU B 432 -6.97 24.55 0.09
N ASN B 433 -7.03 24.64 -1.24
CA ASN B 433 -7.24 23.48 -2.11
C ASN B 433 -6.05 22.52 -2.14
N ILE B 434 -4.92 22.95 -1.59
CA ILE B 434 -3.77 22.05 -1.43
C ILE B 434 -3.61 21.50 -0.01
N THR B 435 -4.58 21.81 0.85
CA THR B 435 -4.59 21.30 2.22
C THR B 435 -5.70 20.27 2.39
N GLN B 436 -5.34 19.12 2.95
CA GLN B 436 -6.27 17.99 3.04
C GLN B 436 -7.33 18.15 4.13
N GLY B 437 -8.52 17.63 3.85
CA GLY B 437 -9.60 17.56 4.83
C GLY B 437 -10.30 18.87 5.12
N VAL B 438 -10.02 19.89 4.30
CA VAL B 438 -10.61 21.21 4.48
C VAL B 438 -11.49 21.57 3.28
N GLU B 439 -12.66 22.15 3.56
CA GLU B 439 -13.50 22.71 2.51
C GLU B 439 -13.82 24.16 2.89
N SER B 440 -13.84 25.04 1.89
CA SER B 440 -13.96 26.47 2.17
C SER B 440 -15.31 27.05 1.81
N VAL B 441 -15.80 27.91 2.68
CA VAL B 441 -17.02 28.68 2.45
C VAL B 441 -16.65 30.15 2.46
N PHE B 442 -16.90 30.83 1.34
CA PHE B 442 -16.61 32.25 1.23
C PHE B 442 -17.71 33.07 1.91
N PHE B 443 -17.28 34.01 2.74
CA PHE B 443 -18.19 34.93 3.40
C PHE B 443 -17.86 36.36 2.95
N ASP B 444 -18.83 36.98 2.28
CA ASP B 444 -18.64 38.31 1.70
C ASP B 444 -18.78 39.40 2.76
N ALA B 445 -17.65 39.80 3.35
CA ALA B 445 -17.62 40.82 4.40
C ALA B 445 -17.96 42.22 3.87
N ASP B 446 -17.72 42.44 2.58
CA ASP B 446 -18.01 43.72 1.93
C ASP B 446 -19.52 43.96 1.74
N LYS B 447 -20.26 42.88 1.50
CA LYS B 447 -21.69 42.97 1.18
C LYS B 447 -22.60 42.20 2.16
N LEU B 448 -22.11 42.00 3.38
CA LEU B 448 -22.93 41.44 4.46
C LEU B 448 -22.68 42.19 5.77
N GLY B 449 -21.46 42.07 6.28
CA GLY B 449 -21.04 42.72 7.51
C GLY B 449 -19.70 42.20 7.98
N HIS B 450 -19.03 42.96 8.84
CA HIS B 450 -17.73 42.55 9.38
C HIS B 450 -17.87 41.34 10.30
N ASP B 451 -19.01 41.25 10.98
CA ASP B 451 -19.35 40.13 11.86
C ASP B 451 -18.36 40.02 13.03
N GLU B 452 -18.36 41.07 13.86
CA GLU B 452 -17.45 41.16 15.02
C GLU B 452 -17.76 40.08 16.06
N GLY B 453 -19.05 39.88 16.34
CA GLY B 453 -19.50 38.80 17.21
C GLY B 453 -19.30 37.42 16.59
N LYS B 454 -19.01 37.41 15.28
CA LYS B 454 -18.64 36.21 14.52
C LYS B 454 -19.77 35.17 14.36
N GLU B 455 -20.99 35.59 14.68
CA GLU B 455 -22.14 34.67 14.70
C GLU B 455 -22.55 34.23 13.29
N HIS B 456 -22.64 35.20 12.37
CA HIS B 456 -23.06 34.95 10.99
C HIS B 456 -22.10 34.05 10.22
N ARG B 457 -20.80 34.19 10.48
CA ARG B 457 -19.77 33.35 9.87
C ARG B 457 -19.86 31.90 10.34
N VAL B 458 -19.95 31.72 11.66
CA VAL B 458 -20.07 30.40 12.27
C VAL B 458 -21.32 29.67 11.76
N ALA B 459 -22.46 30.37 11.76
CA ALA B 459 -23.73 29.82 11.27
C ALA B 459 -23.64 29.41 9.80
N ALA B 460 -22.93 30.20 9.00
CA ALA B 460 -22.71 29.89 7.59
C ALA B 460 -21.91 28.61 7.46
N GLY B 461 -20.95 28.40 8.36
CA GLY B 461 -20.12 27.20 8.38
C GLY B 461 -20.92 25.97 8.73
N VAL B 462 -21.79 26.11 9.73
CA VAL B 462 -22.64 25.00 10.18
C VAL B 462 -23.65 24.62 9.09
N GLU B 463 -24.22 25.63 8.42
CA GLU B 463 -25.21 25.41 7.36
C GLU B 463 -24.63 24.63 6.17
N PHE B 464 -23.38 24.91 5.82
CA PHE B 464 -22.67 24.17 4.78
C PHE B 464 -22.43 22.72 5.20
N ALA B 465 -22.10 22.53 6.48
CA ALA B 465 -21.90 21.20 7.05
C ALA B 465 -23.20 20.41 7.12
N LYS B 466 -24.32 21.12 7.31
CA LYS B 466 -25.64 20.52 7.21
C LYS B 466 -25.98 20.21 5.75
N SER B 467 -25.65 21.15 4.87
CA SER B 467 -25.89 21.02 3.43
C SER B 467 -25.22 19.79 2.84
N LYS B 468 -23.98 19.53 3.24
CA LYS B 468 -23.22 18.38 2.76
C LYS B 468 -23.57 17.09 3.51
N GLY B 469 -24.47 17.21 4.48
CA GLY B 469 -24.93 16.07 5.28
C GLY B 469 -23.93 15.56 6.30
N TYR B 470 -22.92 16.37 6.63
CA TYR B 470 -21.91 15.99 7.61
C TYR B 470 -22.51 15.92 9.02
N VAL B 471 -23.29 16.94 9.36
CA VAL B 471 -23.95 17.01 10.66
C VAL B 471 -25.45 17.19 10.53
N GLN B 472 -26.17 16.67 11.52
CA GLN B 472 -27.62 16.89 11.63
C GLN B 472 -27.95 17.29 13.06
N THR B 473 -29.24 17.51 13.33
CA THR B 473 -29.71 17.89 14.67
C THR B 473 -29.26 16.85 15.70
N GLY B 474 -28.61 17.32 16.77
CA GLY B 474 -28.13 16.46 17.83
C GLY B 474 -26.64 16.21 17.80
N ASP B 475 -26.01 16.50 16.66
CA ASP B 475 -24.58 16.30 16.48
C ASP B 475 -23.75 17.42 17.09
N TYR B 476 -22.49 17.10 17.40
CA TYR B 476 -21.53 18.09 17.90
C TYR B 476 -20.69 18.66 16.77
N CYS B 477 -20.38 19.95 16.87
CA CYS B 477 -19.53 20.61 15.90
C CYS B 477 -18.53 21.51 16.62
N VAL B 478 -17.25 21.23 16.40
CA VAL B 478 -16.18 21.98 17.07
C VAL B 478 -15.83 23.23 16.28
N VAL B 479 -16.08 24.39 16.90
CA VAL B 479 -15.88 25.68 16.26
C VAL B 479 -14.63 26.35 16.84
N ILE B 480 -13.67 26.63 15.97
CA ILE B 480 -12.45 27.32 16.40
C ILE B 480 -12.31 28.64 15.63
N HIS B 481 -12.09 29.73 16.37
CA HIS B 481 -12.03 31.08 15.78
C HIS B 481 -11.17 32.04 16.61
N ALA B 482 -11.18 33.31 16.22
CA ALA B 482 -10.48 34.36 16.97
C ALA B 482 -11.43 35.04 17.97
N TYR B 489 -3.95 34.92 15.14
CA TYR B 489 -4.08 33.64 15.85
C TYR B 489 -5.50 33.40 16.36
N ALA B 490 -6.12 32.33 15.86
CA ALA B 490 -7.47 31.96 16.27
C ALA B 490 -7.42 31.28 17.64
N ASN B 491 -7.93 31.98 18.66
CA ASN B 491 -7.68 31.63 20.07
C ASN B 491 -8.90 31.20 20.89
N GLN B 492 -10.03 31.00 20.23
CA GLN B 492 -11.26 30.63 20.92
C GLN B 492 -11.90 29.36 20.36
N THR B 493 -12.27 28.45 21.26
CA THR B 493 -12.89 27.17 20.89
C THR B 493 -14.31 27.06 21.46
N ARG B 494 -15.22 26.54 20.65
CA ARG B 494 -16.58 26.20 21.09
C ARG B 494 -16.93 24.78 20.68
N ILE B 495 -17.55 24.04 21.59
CA ILE B 495 -18.17 22.76 21.23
C ILE B 495 -19.67 23.00 21.17
N LEU B 496 -20.20 23.00 19.94
CA LEU B 496 -21.57 23.43 19.68
C LEU B 496 -22.49 22.26 19.32
N LEU B 497 -23.70 22.30 19.86
CA LEU B 497 -24.74 21.33 19.53
C LEU B 497 -25.55 21.83 18.34
N VAL B 498 -25.56 21.02 17.28
CA VAL B 498 -26.24 21.39 16.03
C VAL B 498 -27.77 21.34 16.19
N GLU B 499 -28.42 22.43 15.80
CA GLU B 499 -29.87 22.55 15.91
C GLU B 499 -30.58 22.07 14.64
#